data_8FBV
#
_entry.id   8FBV
#
_cell.length_a   101.570
_cell.length_b   101.570
_cell.length_c   321.260
_cell.angle_alpha   90.00
_cell.angle_beta   90.00
_cell.angle_gamma   120.00
#
_symmetry.space_group_name_H-M   'P 61'
#
loop_
_entity.id
_entity.type
_entity.pdbx_description
1 polymer Procaspase-6
2 non-polymer 5-fluoro-2-({[(3M)-3-(1H-imidazol-2-yl)pyridin-2-yl]amino}methyl)phenol
3 water water
#
_entity_poly.entity_id   1
_entity_poly.type   'polypeptide(L)'
_entity_poly.pdbx_seq_one_letter_code
;MSSASGLRRGHPAGGEENMTETDAFYKREMFDPAEKYKMDHRRRGIALIFNHERFFWHLTLPERRGTCADRDNLTRRFSD
LGFEVKCFNDLKAEELLLKIHEVSTVSHADADCFVCVFLSHGEGNHIYAYDAKIEIQTLTGLFKGDKCHSLVGKPKIFII
QAARGNQHDVPVIPLDVVDNQTEKLDTNITEVDAASVYTLPAGADFLMCYSVAEGYYSHRETVNGSWYIQDLCEMLGKYG
SSLEFTELLTLVNRKVSQRRVDFCKDPSAIGKKQVPCFASMLTKKLHFFPKSNENLYFQ
;
_entity_poly.pdbx_strand_id   A,B,C,D
#
loop_
_chem_comp.id
_chem_comp.type
_chem_comp.name
_chem_comp.formula
XOW non-polymer 5-fluoro-2-({[(3M)-3-(1H-imidazol-2-yl)pyridin-2-yl]amino}methyl)phenol 'C15 H13 F N4 O'
#
# COMPACT_ATOMS: atom_id res chain seq x y z
N MET A 30 -35.47 -24.78 4.48
CA MET A 30 -34.73 -26.06 4.23
C MET A 30 -33.30 -25.99 4.77
N PHE A 31 -32.90 -24.95 5.51
CA PHE A 31 -31.49 -24.51 5.70
C PHE A 31 -30.68 -25.56 6.49
N ASP A 32 -29.58 -26.04 5.90
CA ASP A 32 -28.82 -27.23 6.41
C ASP A 32 -27.41 -26.80 6.81
N PRO A 33 -27.01 -26.96 8.09
CA PRO A 33 -25.65 -26.63 8.53
C PRO A 33 -24.52 -27.57 8.07
N ALA A 34 -24.83 -28.81 7.72
CA ALA A 34 -23.84 -29.84 7.27
C ALA A 34 -23.70 -29.78 5.74
N GLU A 35 -24.20 -28.72 5.11
CA GLU A 35 -24.34 -28.60 3.63
C GLU A 35 -22.97 -28.57 2.97
N LYS A 36 -22.77 -29.41 1.96
CA LYS A 36 -21.52 -29.56 1.18
C LYS A 36 -21.73 -29.00 -0.23
N TYR A 37 -20.65 -28.54 -0.86
CA TYR A 37 -20.56 -28.30 -2.32
C TYR A 37 -20.86 -29.65 -2.99
N LYS A 38 -21.55 -29.63 -4.13
CA LYS A 38 -21.84 -30.85 -4.90
C LYS A 38 -20.59 -31.25 -5.70
N MET A 39 -20.02 -32.39 -5.35
CA MET A 39 -18.77 -32.93 -5.94
C MET A 39 -19.12 -34.23 -6.67
N ASP A 40 -20.24 -34.22 -7.42
CA ASP A 40 -20.81 -35.39 -8.13
C ASP A 40 -20.85 -35.13 -9.64
N HIS A 41 -20.21 -34.07 -10.15
CA HIS A 41 -20.13 -33.75 -11.60
C HIS A 41 -19.32 -34.87 -12.27
N ARG A 42 -19.42 -35.03 -13.59
CA ARG A 42 -18.79 -36.15 -14.33
C ARG A 42 -17.30 -36.20 -13.97
N ARG A 43 -16.59 -35.10 -14.18
CA ARG A 43 -15.14 -34.94 -13.88
C ARG A 43 -14.97 -34.07 -12.63
N ARG A 44 -13.85 -34.25 -11.92
CA ARG A 44 -13.46 -33.45 -10.74
C ARG A 44 -13.18 -32.01 -11.16
N GLY A 45 -12.31 -31.84 -12.16
CA GLY A 45 -11.94 -30.53 -12.73
C GLY A 45 -10.46 -30.44 -13.02
N ILE A 46 -10.01 -29.23 -13.36
CA ILE A 46 -8.60 -28.94 -13.74
C ILE A 46 -7.84 -28.47 -12.50
N ALA A 47 -6.55 -28.82 -12.41
CA ALA A 47 -5.57 -28.21 -11.49
C ALA A 47 -4.43 -27.63 -12.33
N LEU A 48 -4.38 -26.30 -12.41
CA LEU A 48 -3.27 -25.54 -13.04
C LEU A 48 -2.10 -25.45 -12.07
N ILE A 49 -0.89 -25.66 -12.56
CA ILE A 49 0.36 -25.45 -11.77
C ILE A 49 1.31 -24.61 -12.61
N PHE A 50 1.46 -23.35 -12.24
CA PHE A 50 2.52 -22.46 -12.78
C PHE A 50 3.75 -22.63 -11.89
N ASN A 51 4.86 -23.01 -12.51
CA ASN A 51 6.07 -23.47 -11.77
C ASN A 51 7.27 -22.69 -12.28
N HIS A 52 7.75 -21.73 -11.49
CA HIS A 52 8.87 -20.82 -11.84
C HIS A 52 10.11 -21.18 -11.00
N GLU A 53 11.21 -21.47 -11.70
CA GLU A 53 12.51 -21.88 -11.12
C GLU A 53 13.59 -20.86 -11.47
N ARG A 54 13.63 -20.39 -12.71
CA ARG A 54 14.53 -19.29 -13.16
C ARG A 54 13.69 -18.06 -13.51
N PHE A 55 14.36 -16.91 -13.59
CA PHE A 55 13.76 -15.59 -13.93
C PHE A 55 14.76 -14.79 -14.77
N PHE A 56 14.22 -14.00 -15.69
CA PHE A 56 14.95 -12.98 -16.50
C PHE A 56 16.07 -12.33 -15.66
N TRP A 57 17.30 -12.32 -16.18
CA TRP A 57 18.51 -11.82 -15.47
C TRP A 57 18.18 -10.52 -14.73
N HIS A 58 17.59 -9.55 -15.45
CA HIS A 58 17.47 -8.11 -15.07
C HIS A 58 16.34 -7.89 -14.07
N LEU A 59 15.85 -8.97 -13.43
CA LEU A 59 14.97 -8.89 -12.23
C LEU A 59 15.81 -9.09 -10.98
N THR A 60 16.98 -9.74 -11.13
CA THR A 60 17.86 -10.14 -9.99
C THR A 60 17.01 -10.92 -8.97
N LEU A 61 16.48 -12.07 -9.38
CA LEU A 61 15.71 -13.00 -8.52
C LEU A 61 16.37 -14.36 -8.55
N PRO A 62 16.62 -14.98 -7.37
CA PRO A 62 17.33 -16.25 -7.31
C PRO A 62 16.54 -17.44 -7.88
N GLU A 63 17.25 -18.39 -8.48
CA GLU A 63 16.73 -19.74 -8.82
C GLU A 63 15.99 -20.29 -7.60
N ARG A 64 14.79 -20.83 -7.81
CA ARG A 64 14.01 -21.54 -6.75
C ARG A 64 14.34 -23.04 -6.86
N ARG A 65 15.58 -23.42 -6.55
CA ARG A 65 16.05 -24.83 -6.64
C ARG A 65 15.25 -25.68 -5.64
N GLY A 66 14.43 -26.61 -6.12
CA GLY A 66 13.56 -27.49 -5.31
C GLY A 66 12.10 -27.44 -5.76
N THR A 67 11.72 -26.45 -6.58
CA THR A 67 10.31 -26.16 -6.96
C THR A 67 9.75 -27.32 -7.81
N CYS A 68 10.60 -28.03 -8.54
CA CYS A 68 10.20 -29.22 -9.35
C CYS A 68 9.70 -30.32 -8.42
N ALA A 69 10.32 -30.47 -7.25
CA ALA A 69 9.86 -31.39 -6.19
C ALA A 69 8.39 -31.09 -5.89
N ASP A 70 8.11 -29.83 -5.55
CA ASP A 70 6.74 -29.32 -5.27
C ASP A 70 5.83 -29.68 -6.46
N ARG A 71 6.21 -29.31 -7.67
CA ARG A 71 5.40 -29.50 -8.90
C ARG A 71 4.98 -30.96 -9.00
N ASP A 72 5.94 -31.88 -9.01
CA ASP A 72 5.72 -33.33 -9.18
C ASP A 72 4.83 -33.85 -8.04
N ASN A 73 5.18 -33.52 -6.80
CA ASN A 73 4.46 -33.96 -5.57
C ASN A 73 2.99 -33.54 -5.66
N LEU A 74 2.73 -32.29 -6.03
CA LEU A 74 1.35 -31.79 -6.21
C LEU A 74 0.69 -32.60 -7.34
N THR A 75 1.34 -32.64 -8.50
CA THR A 75 0.83 -33.31 -9.72
C THR A 75 0.31 -34.70 -9.33
N ARG A 76 1.09 -35.45 -8.56
CA ARG A 76 0.70 -36.80 -8.08
C ARG A 76 -0.57 -36.67 -7.23
N ARG A 77 -0.52 -35.91 -6.13
CA ARG A 77 -1.58 -35.88 -5.10
C ARG A 77 -2.92 -35.44 -5.69
N PHE A 78 -2.88 -34.51 -6.64
CA PHE A 78 -4.08 -33.92 -7.27
C PHE A 78 -4.63 -34.87 -8.34
N SER A 79 -3.75 -35.52 -9.09
CA SER A 79 -4.11 -36.63 -10.00
C SER A 79 -4.87 -37.69 -9.20
N ASP A 80 -4.36 -38.06 -8.03
CA ASP A 80 -4.94 -39.13 -7.17
C ASP A 80 -6.33 -38.72 -6.69
N LEU A 81 -6.61 -37.41 -6.63
CA LEU A 81 -7.95 -36.89 -6.22
C LEU A 81 -8.85 -36.70 -7.45
N GLY A 82 -8.34 -36.98 -8.64
CA GLY A 82 -9.12 -37.06 -9.88
C GLY A 82 -9.07 -35.77 -10.69
N PHE A 83 -8.10 -34.91 -10.43
CA PHE A 83 -7.88 -33.66 -11.20
C PHE A 83 -7.11 -33.99 -12.48
N GLU A 84 -7.55 -33.39 -13.59
CA GLU A 84 -6.73 -33.22 -14.82
C GLU A 84 -5.69 -32.14 -14.50
N VAL A 85 -4.48 -32.55 -14.10
CA VAL A 85 -3.37 -31.64 -13.73
C VAL A 85 -2.70 -31.10 -15.00
N LYS A 86 -2.35 -29.81 -15.03
CA LYS A 86 -1.69 -29.18 -16.20
C LYS A 86 -0.61 -28.22 -15.69
N CYS A 87 0.66 -28.62 -15.79
CA CYS A 87 1.84 -27.85 -15.31
C CYS A 87 2.36 -26.94 -16.44
N PHE A 88 3.03 -25.85 -16.06
CA PHE A 88 3.58 -24.84 -17.01
C PHE A 88 4.84 -24.22 -16.40
N ASN A 89 5.98 -24.74 -16.82
CA ASN A 89 7.32 -24.37 -16.31
C ASN A 89 7.72 -23.06 -16.99
N ASP A 90 7.91 -22.02 -16.17
CA ASP A 90 8.70 -20.80 -16.47
C ASP A 90 8.07 -20.01 -17.61
N LEU A 91 6.75 -19.86 -17.58
CA LEU A 91 6.02 -19.03 -18.58
C LEU A 91 6.43 -17.56 -18.40
N LYS A 92 6.53 -16.82 -19.51
CA LYS A 92 6.56 -15.35 -19.49
C LYS A 92 5.14 -14.89 -19.18
N ALA A 93 4.95 -13.60 -18.91
CA ALA A 93 3.65 -12.98 -18.58
C ALA A 93 2.65 -13.28 -19.69
N GLU A 94 2.90 -12.80 -20.90
CA GLU A 94 1.97 -12.99 -22.05
C GLU A 94 1.54 -14.46 -22.09
N GLU A 95 2.50 -15.37 -22.19
CA GLU A 95 2.27 -16.84 -22.24
C GLU A 95 1.32 -17.26 -21.11
N LEU A 96 1.55 -16.74 -19.90
CA LEU A 96 0.82 -17.17 -18.68
C LEU A 96 -0.63 -16.71 -18.78
N LEU A 97 -0.83 -15.40 -18.89
CA LEU A 97 -2.17 -14.78 -19.03
C LEU A 97 -2.98 -15.51 -20.11
N LEU A 98 -2.36 -15.86 -21.24
CA LEU A 98 -3.04 -16.60 -22.32
C LEU A 98 -3.50 -17.96 -21.80
N LYS A 99 -2.61 -18.74 -21.21
CA LYS A 99 -2.92 -20.11 -20.74
C LYS A 99 -4.08 -20.02 -19.74
N ILE A 100 -4.03 -19.05 -18.84
CA ILE A 100 -5.02 -18.99 -17.72
C ILE A 100 -6.34 -18.40 -18.25
N HIS A 101 -6.29 -17.50 -19.22
CA HIS A 101 -7.51 -16.93 -19.85
C HIS A 101 -8.21 -18.05 -20.63
N GLU A 102 -7.45 -18.72 -21.51
CA GLU A 102 -7.86 -19.98 -22.18
C GLU A 102 -8.70 -20.80 -21.21
N VAL A 103 -8.15 -21.13 -20.05
CA VAL A 103 -8.80 -22.04 -19.07
C VAL A 103 -10.08 -21.42 -18.53
N SER A 104 -10.10 -20.11 -18.22
CA SER A 104 -11.28 -19.42 -17.66
C SER A 104 -12.47 -19.50 -18.65
N THR A 105 -12.20 -19.50 -19.96
CA THR A 105 -13.22 -19.35 -21.03
C THR A 105 -13.72 -20.71 -21.55
N VAL A 106 -12.89 -21.76 -21.47
CA VAL A 106 -13.36 -23.17 -21.58
C VAL A 106 -14.50 -23.37 -20.57
N SER A 107 -15.42 -24.29 -20.88
CA SER A 107 -16.57 -24.67 -20.00
C SER A 107 -16.13 -25.67 -18.93
N HIS A 108 -16.41 -25.34 -17.66
CA HIS A 108 -16.22 -26.20 -16.47
C HIS A 108 -17.56 -26.77 -16.00
N ALA A 109 -18.61 -26.62 -16.82
CA ALA A 109 -20.00 -27.06 -16.55
C ALA A 109 -20.03 -28.46 -15.94
N ASP A 110 -19.23 -29.40 -16.46
CA ASP A 110 -19.28 -30.83 -16.06
C ASP A 110 -18.27 -31.16 -14.96
N ALA A 111 -17.68 -30.14 -14.32
CA ALA A 111 -16.57 -30.26 -13.34
C ALA A 111 -17.01 -29.81 -11.94
N ASP A 112 -16.51 -30.53 -10.91
CA ASP A 112 -16.81 -30.30 -9.47
C ASP A 112 -16.28 -28.94 -9.01
N CYS A 113 -15.07 -28.57 -9.46
CA CYS A 113 -14.34 -27.40 -8.93
C CYS A 113 -13.13 -27.08 -9.80
N PHE A 114 -12.42 -26.01 -9.43
CA PHE A 114 -11.17 -25.56 -10.09
C PHE A 114 -10.08 -25.31 -9.06
N VAL A 115 -8.86 -25.71 -9.39
CA VAL A 115 -7.64 -25.49 -8.55
C VAL A 115 -6.60 -24.77 -9.41
N CYS A 116 -5.84 -23.90 -8.78
CA CYS A 116 -4.74 -23.16 -9.45
C CYS A 116 -3.61 -22.95 -8.46
N VAL A 117 -2.37 -23.23 -8.87
CA VAL A 117 -1.20 -23.24 -7.94
C VAL A 117 -0.05 -22.44 -8.54
N PHE A 118 0.59 -21.61 -7.72
CA PHE A 118 1.75 -20.76 -8.11
C PHE A 118 2.94 -21.05 -7.22
N LEU A 119 3.98 -21.58 -7.85
CA LEU A 119 5.31 -21.80 -7.25
C LEU A 119 6.24 -20.78 -7.90
N SER A 120 6.40 -19.64 -7.24
CA SER A 120 7.25 -18.53 -7.72
C SER A 120 7.66 -17.61 -6.56
N HIS A 121 8.15 -16.44 -6.93
CA HIS A 121 8.39 -15.29 -6.01
C HIS A 121 7.20 -14.35 -6.13
N GLY A 122 7.03 -13.45 -5.16
CA GLY A 122 5.94 -12.46 -5.16
C GLY A 122 6.23 -11.29 -4.24
N GLU A 123 5.59 -10.15 -4.50
CA GLU A 123 5.58 -8.97 -3.61
C GLU A 123 4.12 -8.53 -3.52
N GLY A 124 3.64 -8.20 -2.31
CA GLY A 124 2.30 -7.62 -2.09
C GLY A 124 1.23 -8.43 -2.80
N ASN A 125 0.63 -7.87 -3.85
CA ASN A 125 -0.51 -8.49 -4.56
C ASN A 125 -0.04 -8.94 -5.95
N HIS A 126 1.25 -9.24 -6.08
CA HIS A 126 1.89 -9.68 -7.33
C HIS A 126 2.52 -11.06 -7.17
N ILE A 127 2.44 -11.85 -8.22
CA ILE A 127 3.25 -13.07 -8.46
C ILE A 127 4.25 -12.72 -9.56
N TYR A 128 5.42 -13.36 -9.56
CA TYR A 128 6.44 -13.21 -10.63
C TYR A 128 6.27 -14.34 -11.64
N ALA A 129 5.95 -13.96 -12.88
CA ALA A 129 6.22 -14.78 -14.08
C ALA A 129 7.73 -14.70 -14.35
N TYR A 130 8.23 -15.42 -15.35
CA TYR A 130 9.65 -15.37 -15.77
C TYR A 130 10.09 -13.90 -15.98
N ASP A 131 9.32 -13.11 -16.73
CA ASP A 131 9.79 -11.78 -17.23
C ASP A 131 9.30 -10.63 -16.32
N ALA A 132 8.10 -10.67 -15.74
CA ALA A 132 7.60 -9.56 -14.88
C ALA A 132 6.50 -10.04 -13.90
N LYS A 133 6.03 -9.11 -13.05
CA LYS A 133 5.08 -9.42 -11.95
C LYS A 133 3.64 -9.29 -12.46
N ILE A 134 2.74 -10.04 -11.85
CA ILE A 134 1.31 -10.13 -12.27
C ILE A 134 0.40 -9.93 -11.05
N GLU A 135 -0.49 -8.96 -11.17
CA GLU A 135 -1.56 -8.67 -10.18
C GLU A 135 -2.38 -9.94 -10.02
N ILE A 136 -2.32 -10.54 -8.82
CA ILE A 136 -3.10 -11.76 -8.47
C ILE A 136 -4.59 -11.47 -8.70
N GLN A 137 -5.08 -10.30 -8.29
CA GLN A 137 -6.50 -9.88 -8.45
C GLN A 137 -6.98 -10.24 -9.85
N THR A 138 -6.18 -9.97 -10.89
CA THR A 138 -6.57 -10.17 -12.31
C THR A 138 -6.68 -11.66 -12.63
N LEU A 139 -5.87 -12.51 -12.00
CA LEU A 139 -5.88 -13.98 -12.27
C LEU A 139 -7.09 -14.62 -11.61
N THR A 140 -7.39 -14.28 -10.36
CA THR A 140 -8.59 -14.72 -9.61
C THR A 140 -9.82 -14.08 -10.29
N GLY A 141 -9.68 -12.83 -10.73
CA GLY A 141 -10.74 -12.04 -11.41
C GLY A 141 -11.35 -12.79 -12.58
N LEU A 142 -10.61 -13.74 -13.17
CA LEU A 142 -11.05 -14.48 -14.38
C LEU A 142 -12.12 -15.51 -14.04
N PHE A 143 -12.16 -15.97 -12.79
CA PHE A 143 -13.06 -17.07 -12.34
C PHE A 143 -14.23 -16.53 -11.52
N LYS A 144 -14.21 -15.23 -11.19
CA LYS A 144 -15.37 -14.50 -10.58
C LYS A 144 -16.62 -14.83 -11.40
N GLY A 145 -17.68 -15.31 -10.75
CA GLY A 145 -18.91 -15.83 -11.38
C GLY A 145 -19.41 -14.97 -12.53
N ASP A 146 -19.24 -13.64 -12.42
CA ASP A 146 -19.44 -12.67 -13.53
C ASP A 146 -18.83 -13.23 -14.83
N LYS A 147 -17.54 -13.57 -14.77
CA LYS A 147 -16.64 -13.78 -15.93
C LYS A 147 -16.53 -15.26 -16.30
N CYS A 148 -16.93 -16.17 -15.41
CA CYS A 148 -16.84 -17.64 -15.63
C CYS A 148 -18.07 -18.32 -15.04
N HIS A 149 -19.15 -18.35 -15.83
CA HIS A 149 -20.48 -18.87 -15.41
C HIS A 149 -20.35 -20.35 -15.04
N SER A 150 -19.54 -21.11 -15.79
CA SER A 150 -19.38 -22.59 -15.65
C SER A 150 -18.99 -22.95 -14.21
N LEU A 151 -18.40 -22.01 -13.45
CA LEU A 151 -17.78 -22.27 -12.11
C LEU A 151 -18.51 -21.51 -10.99
N VAL A 152 -19.42 -20.59 -11.33
CA VAL A 152 -20.39 -19.99 -10.35
C VAL A 152 -20.90 -21.11 -9.42
N GLY A 153 -20.74 -20.94 -8.11
CA GLY A 153 -21.28 -21.84 -7.08
C GLY A 153 -20.37 -23.02 -6.78
N LYS A 154 -19.28 -23.17 -7.54
CA LYS A 154 -18.27 -24.25 -7.38
C LYS A 154 -17.04 -23.64 -6.70
N PRO A 155 -16.32 -24.42 -5.88
CA PRO A 155 -15.14 -23.91 -5.18
C PRO A 155 -13.99 -23.65 -6.16
N LYS A 156 -13.26 -22.55 -5.92
CA LYS A 156 -12.12 -22.11 -6.75
C LYS A 156 -10.93 -21.93 -5.81
N ILE A 157 -10.08 -22.94 -5.72
CA ILE A 157 -8.94 -22.97 -4.77
C ILE A 157 -7.72 -22.39 -5.46
N PHE A 158 -7.10 -21.39 -4.85
CA PHE A 158 -5.73 -20.93 -5.23
C PHE A 158 -4.77 -21.23 -4.09
N ILE A 159 -3.64 -21.81 -4.47
CA ILE A 159 -2.54 -22.19 -3.56
C ILE A 159 -1.29 -21.45 -3.99
N ILE A 160 -0.67 -20.70 -3.07
CA ILE A 160 0.37 -19.71 -3.44
C ILE A 160 1.58 -19.91 -2.51
N GLN A 161 2.62 -20.50 -3.09
CA GLN A 161 3.97 -20.66 -2.49
C GLN A 161 4.83 -19.59 -3.16
N ALA A 162 4.82 -18.37 -2.61
CA ALA A 162 5.52 -17.20 -3.17
C ALA A 162 6.05 -16.34 -2.02
N ALA A 163 7.25 -15.79 -2.19
CA ALA A 163 7.92 -14.93 -1.20
C ALA A 163 9.06 -14.14 -1.86
N ARG A 164 9.70 -13.25 -1.10
CA ARG A 164 10.78 -12.32 -1.55
C ARG A 164 12.10 -13.07 -1.72
N GLY A 165 12.68 -13.09 -2.93
CA GLY A 165 13.97 -13.74 -3.22
C GLY A 165 15.15 -13.02 -2.58
N ASN A 166 15.81 -13.65 -1.60
CA ASN A 166 16.69 -12.98 -0.59
C ASN A 166 18.08 -12.66 -1.16
N GLN A 167 18.78 -13.63 -1.78
CA GLN A 167 20.25 -13.60 -2.05
C GLN A 167 20.99 -13.41 -0.71
N THR A 187 24.24 -31.91 -0.18
CA THR A 187 23.49 -31.74 -1.46
C THR A 187 22.22 -30.89 -1.21
N ASN A 188 21.37 -31.32 -0.25
CA ASN A 188 20.03 -30.75 0.06
C ASN A 188 20.15 -29.74 1.21
N ILE A 189 20.31 -28.46 0.88
CA ILE A 189 20.28 -27.34 1.89
C ILE A 189 18.85 -26.78 1.94
N THR A 190 18.52 -26.10 3.04
CA THR A 190 17.23 -25.38 3.25
C THR A 190 17.47 -23.88 3.02
N GLU A 191 16.81 -23.30 2.01
CA GLU A 191 16.83 -21.84 1.72
C GLU A 191 15.58 -21.21 2.35
N VAL A 192 15.63 -19.94 2.74
CA VAL A 192 14.59 -19.27 3.56
C VAL A 192 14.37 -17.82 3.10
N ASP A 193 13.13 -17.51 2.67
CA ASP A 193 12.68 -16.17 2.22
C ASP A 193 11.73 -15.57 3.27
N ALA A 194 11.67 -14.25 3.34
CA ALA A 194 10.69 -13.49 4.16
C ALA A 194 9.34 -13.53 3.44
N ALA A 195 8.23 -13.73 4.17
CA ALA A 195 6.86 -13.47 3.68
C ALA A 195 6.86 -12.12 2.94
N SER A 196 6.19 -12.04 1.80
CA SER A 196 6.12 -10.81 0.97
C SER A 196 4.70 -10.62 0.40
N VAL A 197 4.04 -11.71 0.02
CA VAL A 197 2.73 -11.68 -0.69
C VAL A 197 1.60 -11.49 0.32
N TYR A 198 0.73 -10.50 0.08
CA TYR A 198 -0.47 -10.22 0.90
C TYR A 198 -1.35 -11.46 0.90
N THR A 199 -1.96 -11.77 2.04
CA THR A 199 -2.81 -12.98 2.20
C THR A 199 -4.25 -12.56 1.87
N LEU A 200 -4.42 -12.09 0.64
CA LEU A 200 -5.70 -11.53 0.13
C LEU A 200 -6.73 -12.65 0.09
N PRO A 201 -8.04 -12.33 0.18
CA PRO A 201 -9.10 -13.25 -0.20
C PRO A 201 -9.39 -12.98 -1.69
N ALA A 202 -10.34 -13.67 -2.30
CA ALA A 202 -10.78 -13.35 -3.68
C ALA A 202 -12.26 -12.94 -3.62
N GLY A 203 -13.13 -13.72 -4.28
CA GLY A 203 -14.59 -13.53 -4.22
C GLY A 203 -15.27 -14.70 -3.52
N ALA A 204 -16.59 -14.76 -3.68
CA ALA A 204 -17.45 -15.88 -3.23
C ALA A 204 -16.92 -17.20 -3.77
N ASP A 205 -16.87 -18.21 -2.90
CA ASP A 205 -16.57 -19.63 -3.24
C ASP A 205 -15.11 -19.76 -3.67
N PHE A 206 -14.28 -18.78 -3.31
CA PHE A 206 -12.81 -18.89 -3.45
C PHE A 206 -12.18 -19.25 -2.10
N LEU A 207 -11.17 -20.12 -2.16
CA LEU A 207 -10.32 -20.44 -0.99
C LEU A 207 -8.86 -20.12 -1.36
N MET A 208 -8.33 -19.04 -0.81
CA MET A 208 -6.93 -18.61 -1.04
C MET A 208 -6.06 -19.22 0.05
N CYS A 209 -5.03 -19.97 -0.35
CA CYS A 209 -4.14 -20.75 0.55
C CYS A 209 -2.71 -20.26 0.36
N TYR A 210 -2.03 -19.94 1.46
CA TYR A 210 -0.77 -19.17 1.46
C TYR A 210 0.29 -19.91 2.27
N SER A 211 1.45 -20.15 1.65
CA SER A 211 2.64 -20.81 2.24
C SER A 211 3.03 -20.17 3.57
N VAL A 212 2.81 -18.86 3.72
CA VAL A 212 3.35 -18.07 4.85
C VAL A 212 2.51 -16.80 5.05
N ALA A 213 2.45 -16.31 6.28
CA ALA A 213 1.71 -15.11 6.72
C ALA A 213 2.68 -13.94 6.96
N GLU A 214 2.17 -12.70 7.01
CA GLU A 214 2.98 -11.48 7.28
C GLU A 214 3.85 -11.71 8.51
N GLY A 215 5.11 -11.24 8.47
CA GLY A 215 6.05 -11.31 9.60
C GLY A 215 6.85 -12.60 9.63
N TYR A 216 6.26 -13.72 9.25
CA TYR A 216 6.90 -15.07 9.26
C TYR A 216 7.76 -15.26 8.01
N TYR A 217 8.33 -16.47 7.89
CA TYR A 217 9.39 -16.84 6.91
C TYR A 217 9.01 -18.14 6.20
N SER A 218 9.48 -18.32 4.96
CA SER A 218 9.08 -19.42 4.04
C SER A 218 10.32 -20.24 3.63
N HIS A 219 10.31 -21.54 3.93
CA HIS A 219 11.46 -22.49 3.79
C HIS A 219 11.29 -23.40 2.57
N ARG A 220 12.37 -23.64 1.83
CA ARG A 220 12.40 -24.63 0.72
C ARG A 220 13.71 -25.44 0.75
N GLU A 221 13.61 -26.75 0.97
CA GLU A 221 14.72 -27.74 0.81
C GLU A 221 15.00 -27.89 -0.69
N THR A 222 16.25 -27.73 -1.12
CA THR A 222 16.64 -27.66 -2.56
C THR A 222 16.37 -28.97 -3.31
N VAL A 223 16.07 -30.07 -2.61
CA VAL A 223 15.79 -31.40 -3.25
C VAL A 223 14.36 -31.83 -2.93
N ASN A 224 13.92 -31.66 -1.67
CA ASN A 224 12.60 -32.14 -1.18
C ASN A 224 11.51 -31.09 -1.44
N GLY A 225 11.93 -29.82 -1.61
CA GLY A 225 11.05 -28.69 -1.98
C GLY A 225 10.53 -27.95 -0.74
N SER A 226 9.56 -27.06 -0.98
CA SER A 226 8.95 -26.15 0.03
C SER A 226 8.36 -26.96 1.18
N TRP A 227 8.54 -26.48 2.40
CA TRP A 227 7.93 -27.03 3.64
C TRP A 227 6.41 -27.11 3.46
N TYR A 228 5.77 -26.00 3.09
CA TYR A 228 4.30 -25.88 2.88
C TYR A 228 3.82 -27.06 2.03
N ILE A 229 4.48 -27.26 0.89
CA ILE A 229 4.04 -28.23 -0.16
C ILE A 229 4.28 -29.65 0.33
N GLN A 230 5.46 -29.92 0.89
CA GLN A 230 5.80 -31.24 1.49
C GLN A 230 4.63 -31.64 2.40
N ASP A 231 4.31 -30.77 3.36
CA ASP A 231 3.32 -31.05 4.44
C ASP A 231 1.91 -31.06 3.83
N LEU A 232 1.63 -30.16 2.90
CA LEU A 232 0.32 -30.14 2.19
C LEU A 232 0.10 -31.51 1.54
N CYS A 233 1.05 -31.92 0.70
CA CYS A 233 0.99 -33.17 -0.10
C CYS A 233 0.97 -34.39 0.83
N GLU A 234 1.70 -34.34 1.95
CA GLU A 234 1.66 -35.45 2.94
C GLU A 234 0.20 -35.62 3.39
N MET A 235 -0.45 -34.51 3.74
CA MET A 235 -1.84 -34.51 4.25
C MET A 235 -2.80 -34.92 3.13
N LEU A 236 -2.58 -34.44 1.91
CA LEU A 236 -3.43 -34.81 0.75
C LEU A 236 -3.39 -36.32 0.55
N GLY A 237 -2.19 -36.90 0.55
CA GLY A 237 -1.95 -38.34 0.41
C GLY A 237 -2.67 -39.13 1.50
N LYS A 238 -2.55 -38.69 2.74
CA LYS A 238 -3.13 -39.41 3.91
C LYS A 238 -4.64 -39.18 3.95
N TYR A 239 -5.10 -37.94 3.82
CA TYR A 239 -6.45 -37.53 4.29
C TYR A 239 -7.29 -36.86 3.19
N GLY A 240 -6.71 -36.55 2.02
CA GLY A 240 -7.37 -35.83 0.92
C GLY A 240 -8.80 -36.26 0.70
N SER A 241 -9.05 -37.57 0.61
CA SER A 241 -10.35 -38.16 0.20
C SER A 241 -11.39 -38.10 1.33
N SER A 242 -10.98 -38.29 2.59
CA SER A 242 -11.88 -38.34 3.77
C SER A 242 -12.23 -36.92 4.24
N LEU A 243 -11.21 -36.14 4.63
CA LEU A 243 -11.38 -34.87 5.39
C LEU A 243 -11.92 -33.73 4.52
N GLU A 244 -12.75 -32.90 5.16
CA GLU A 244 -13.10 -31.52 4.72
C GLU A 244 -11.78 -30.79 4.50
N PHE A 245 -11.70 -30.04 3.41
CA PHE A 245 -10.42 -29.49 2.89
C PHE A 245 -9.82 -28.47 3.86
N THR A 246 -10.61 -27.53 4.35
CA THR A 246 -10.14 -26.50 5.32
C THR A 246 -9.66 -27.18 6.60
N GLU A 247 -10.32 -28.27 7.02
CA GLU A 247 -9.91 -29.08 8.20
C GLU A 247 -8.47 -29.53 7.97
N LEU A 248 -8.23 -30.05 6.78
CA LEU A 248 -6.90 -30.51 6.30
C LEU A 248 -5.91 -29.34 6.31
N LEU A 249 -6.28 -28.22 5.67
CA LEU A 249 -5.43 -26.99 5.59
C LEU A 249 -4.97 -26.56 6.99
N THR A 250 -5.84 -26.75 7.99
CA THR A 250 -5.59 -26.48 9.42
C THR A 250 -4.53 -27.46 9.94
N LEU A 251 -4.61 -28.73 9.52
CA LEU A 251 -3.58 -29.75 9.82
C LEU A 251 -2.24 -29.28 9.29
N VAL A 252 -2.23 -28.70 8.10
CA VAL A 252 -0.99 -28.20 7.44
C VAL A 252 -0.45 -27.03 8.27
N ASN A 253 -1.33 -26.12 8.71
CA ASN A 253 -0.96 -24.98 9.59
C ASN A 253 -0.24 -25.57 10.82
N ARG A 254 -0.80 -26.60 11.44
CA ARG A 254 -0.17 -27.27 12.60
C ARG A 254 1.19 -27.81 12.17
N LYS A 255 1.20 -28.74 11.22
CA LYS A 255 2.40 -29.49 10.78
C LYS A 255 3.57 -28.54 10.56
N VAL A 256 3.33 -27.42 9.87
CA VAL A 256 4.37 -26.45 9.43
C VAL A 256 4.82 -25.59 10.61
N SER A 257 3.88 -25.08 11.42
CA SER A 257 4.22 -24.26 12.62
C SER A 257 5.14 -25.09 13.53
N GLN A 258 4.79 -26.37 13.71
CA GLN A 258 5.47 -27.35 14.59
C GLN A 258 6.89 -27.69 14.09
N ARG A 259 7.25 -27.39 12.85
CA ARG A 259 8.63 -27.62 12.36
C ARG A 259 9.59 -26.74 13.18
N ARG A 260 10.60 -27.38 13.79
CA ARG A 260 11.58 -26.72 14.71
C ARG A 260 12.62 -25.99 13.88
N VAL A 261 13.02 -24.80 14.32
CA VAL A 261 13.97 -23.88 13.61
C VAL A 261 14.93 -23.26 14.64
N ASP A 262 15.36 -24.08 15.62
CA ASP A 262 16.29 -23.69 16.72
C ASP A 262 17.72 -24.11 16.31
N PHE A 263 17.99 -25.41 16.17
CA PHE A 263 19.32 -25.95 15.78
C PHE A 263 19.40 -26.01 14.25
N CYS A 264 20.14 -25.07 13.63
CA CYS A 264 20.19 -24.83 12.16
C CYS A 264 21.64 -24.63 11.68
N LYS A 265 21.98 -25.17 10.51
CA LYS A 265 23.36 -25.18 9.93
C LYS A 265 23.76 -23.78 9.46
N ASP A 266 22.79 -22.89 9.18
CA ASP A 266 23.04 -21.44 9.03
C ASP A 266 22.80 -20.78 10.37
N PRO A 267 23.78 -20.01 10.92
CA PRO A 267 23.57 -19.22 12.13
C PRO A 267 22.38 -18.26 12.02
N SER A 268 22.29 -17.53 10.91
CA SER A 268 21.32 -16.41 10.69
C SER A 268 19.92 -16.92 10.35
N ALA A 269 19.75 -18.21 10.03
CA ALA A 269 18.44 -18.84 9.68
C ALA A 269 17.75 -19.40 10.95
N ILE A 270 18.32 -19.18 12.13
CA ILE A 270 17.76 -19.67 13.42
C ILE A 270 16.58 -18.76 13.83
N GLY A 271 15.53 -19.36 14.41
CA GLY A 271 14.38 -18.66 15.04
C GLY A 271 13.50 -17.93 14.05
N LYS A 272 13.50 -18.37 12.79
CA LYS A 272 12.65 -17.84 11.70
C LYS A 272 11.51 -18.83 11.45
N LYS A 273 10.39 -18.69 12.17
CA LYS A 273 9.29 -19.69 12.08
C LYS A 273 8.51 -19.49 10.76
N GLN A 274 7.76 -20.53 10.39
CA GLN A 274 6.81 -20.50 9.26
C GLN A 274 5.42 -20.84 9.78
N VAL A 275 4.47 -19.94 9.53
CA VAL A 275 3.02 -20.15 9.77
C VAL A 275 2.28 -19.79 8.49
N PRO A 276 1.73 -20.79 7.77
CA PRO A 276 0.88 -20.53 6.62
C PRO A 276 -0.53 -20.17 7.11
N CYS A 277 -1.28 -19.46 6.29
CA CYS A 277 -2.73 -19.21 6.54
C CYS A 277 -3.55 -19.62 5.32
N PHE A 278 -4.87 -19.45 5.44
CA PHE A 278 -5.82 -19.55 4.29
C PHE A 278 -6.98 -18.59 4.54
N ALA A 279 -7.47 -17.97 3.48
CA ALA A 279 -8.64 -17.06 3.52
C ALA A 279 -9.82 -17.73 2.82
N SER A 280 -10.70 -18.37 3.60
CA SER A 280 -11.93 -19.01 3.08
C SER A 280 -12.98 -17.93 2.85
N MET A 281 -13.51 -17.87 1.65
CA MET A 281 -14.76 -17.17 1.31
C MET A 281 -15.73 -18.21 0.74
N LEU A 282 -15.49 -19.47 1.10
CA LEU A 282 -16.37 -20.62 0.77
C LEU A 282 -17.65 -20.51 1.59
N THR A 283 -18.69 -21.19 1.14
CA THR A 283 -20.06 -21.10 1.71
C THR A 283 -20.56 -22.49 2.11
N LYS A 284 -19.79 -23.55 1.86
CA LYS A 284 -20.20 -24.93 2.16
C LYS A 284 -18.97 -25.76 2.50
N LYS A 285 -19.19 -26.96 3.04
CA LYS A 285 -18.13 -27.95 3.31
C LYS A 285 -17.59 -28.41 1.96
N LEU A 286 -16.29 -28.71 1.92
CA LEU A 286 -15.58 -29.14 0.69
C LEU A 286 -14.88 -30.46 0.95
N HIS A 287 -15.36 -31.54 0.34
CA HIS A 287 -14.74 -32.88 0.41
C HIS A 287 -14.34 -33.36 -0.99
N PHE A 288 -13.25 -34.10 -1.06
CA PHE A 288 -12.74 -34.72 -2.30
C PHE A 288 -12.87 -36.24 -2.18
N PHE A 289 -14.10 -36.69 -1.90
CA PHE A 289 -14.45 -38.13 -1.84
C PHE A 289 -14.08 -38.79 -3.15
N PRO A 290 -13.64 -40.07 -3.12
CA PRO A 290 -13.36 -40.80 -4.36
C PRO A 290 -14.58 -40.72 -5.28
N LYS A 291 -14.37 -40.42 -6.57
CA LYS A 291 -15.46 -40.37 -7.57
C LYS A 291 -15.73 -41.81 -8.06
N SER A 292 -16.99 -42.16 -8.30
CA SER A 292 -17.39 -43.54 -8.68
C SER A 292 -17.18 -43.63 -10.20
N ASN A 293 -16.11 -44.33 -10.63
CA ASN A 293 -15.63 -44.39 -12.05
C ASN A 293 -15.68 -45.84 -12.54
N GLU A 294 -16.67 -46.61 -12.08
CA GLU A 294 -16.82 -48.06 -12.37
C GLU A 294 -17.54 -48.22 -13.71
N ASN A 295 -16.78 -48.28 -14.81
CA ASN A 295 -17.25 -48.37 -16.23
C ASN A 295 -18.03 -47.09 -16.57
N LEU A 296 -17.33 -45.96 -16.71
CA LEU A 296 -17.90 -44.63 -17.07
C LEU A 296 -16.79 -43.74 -17.65
N TYR A 297 -17.18 -42.83 -18.55
CA TYR A 297 -16.28 -41.86 -19.25
C TYR A 297 -15.95 -40.70 -18.31
N PHE A 298 -14.67 -40.56 -17.91
CA PHE A 298 -14.15 -39.53 -16.97
C PHE A 298 -13.23 -38.53 -17.70
N GLN A 299 -13.16 -38.60 -19.04
CA GLN A 299 -12.39 -37.70 -19.95
C GLN A 299 -13.34 -36.70 -20.64
N MET B 30 2.10 -40.31 17.15
CA MET B 30 0.63 -40.46 17.18
C MET B 30 -0.03 -39.12 16.84
N PHE B 31 0.39 -38.51 15.72
CA PHE B 31 -0.23 -37.32 15.06
C PHE B 31 -1.70 -37.58 14.71
N ASP B 32 -2.61 -36.72 15.20
CA ASP B 32 -4.08 -36.95 15.18
C ASP B 32 -4.77 -35.91 14.30
N PRO B 33 -5.48 -36.31 13.22
CA PRO B 33 -6.19 -35.37 12.36
C PRO B 33 -7.49 -34.75 12.93
N ALA B 34 -8.11 -35.38 13.93
CA ALA B 34 -9.36 -34.90 14.56
C ALA B 34 -9.02 -34.01 15.77
N GLU B 35 -7.75 -33.59 15.89
CA GLU B 35 -7.20 -32.90 17.09
C GLU B 35 -7.88 -31.54 17.27
N LYS B 36 -8.35 -31.28 18.50
CA LYS B 36 -9.06 -30.04 18.90
C LYS B 36 -8.16 -29.26 19.87
N TYR B 37 -8.34 -27.95 19.91
CA TYR B 37 -7.86 -27.07 21.00
C TYR B 37 -8.51 -27.58 22.29
N LYS B 38 -7.79 -27.55 23.42
CA LYS B 38 -8.33 -27.97 24.73
C LYS B 38 -9.21 -26.84 25.29
N MET B 39 -10.51 -27.11 25.40
CA MET B 39 -11.52 -26.14 25.86
C MET B 39 -12.10 -26.63 27.19
N ASP B 40 -11.20 -27.10 28.08
CA ASP B 40 -11.54 -27.72 29.39
C ASP B 40 -10.96 -26.90 30.55
N HIS B 41 -10.44 -25.69 30.30
CA HIS B 41 -9.90 -24.79 31.36
C HIS B 41 -11.07 -24.36 32.25
N ARG B 42 -10.80 -23.88 33.46
CA ARG B 42 -11.84 -23.54 34.47
C ARG B 42 -12.90 -22.64 33.82
N ARG B 43 -12.45 -21.50 33.28
CA ARG B 43 -13.31 -20.49 32.61
C ARG B 43 -13.06 -20.57 31.09
N ARG B 44 -14.06 -20.17 30.31
CA ARG B 44 -14.00 -20.09 28.82
C ARG B 44 -12.99 -19.01 28.40
N GLY B 45 -13.16 -17.80 28.96
CA GLY B 45 -12.26 -16.66 28.72
C GLY B 45 -13.03 -15.36 28.55
N ILE B 46 -12.33 -14.30 28.14
CA ILE B 46 -12.90 -12.94 27.97
C ILE B 46 -13.31 -12.76 26.51
N ALA B 47 -14.40 -12.01 26.28
CA ALA B 47 -14.79 -11.44 24.97
C ALA B 47 -14.85 -9.92 25.10
N LEU B 48 -13.88 -9.21 24.52
CA LEU B 48 -13.86 -7.74 24.42
C LEU B 48 -14.75 -7.31 23.27
N ILE B 49 -15.53 -6.26 23.49
CA ILE B 49 -16.35 -5.61 22.42
C ILE B 49 -16.09 -4.11 22.49
N PHE B 50 -15.33 -3.59 21.53
CA PHE B 50 -15.20 -2.13 21.29
C PHE B 50 -16.31 -1.73 20.33
N ASN B 51 -17.13 -0.77 20.77
CA ASN B 51 -18.40 -0.44 20.07
C ASN B 51 -18.44 1.06 19.82
N HIS B 52 -18.23 1.47 18.57
CA HIS B 52 -18.14 2.90 18.15
C HIS B 52 -19.36 3.25 17.32
N GLU B 53 -20.10 4.28 17.77
CA GLU B 53 -21.36 4.77 17.16
C GLU B 53 -21.18 6.23 16.69
N ARG B 54 -20.54 7.07 17.50
CA ARG B 54 -20.16 8.45 17.13
C ARG B 54 -18.64 8.55 17.03
N PHE B 55 -18.17 9.61 16.37
CA PHE B 55 -16.74 9.94 16.17
C PHE B 55 -16.55 11.47 16.24
N PHE B 56 -15.40 11.88 16.77
CA PHE B 56 -14.89 13.27 16.76
C PHE B 56 -15.31 13.99 15.47
N TRP B 57 -15.93 15.17 15.60
CA TRP B 57 -16.48 15.96 14.46
C TRP B 57 -15.48 15.94 13.29
N HIS B 58 -14.23 16.31 13.59
CA HIS B 58 -13.17 16.70 12.61
C HIS B 58 -12.54 15.46 11.96
N LEU B 59 -13.20 14.30 12.05
CA LEU B 59 -12.88 13.10 11.23
C LEU B 59 -13.86 13.04 10.05
N THR B 60 -15.02 13.68 10.18
CA THR B 60 -16.14 13.61 9.20
C THR B 60 -16.45 12.12 8.93
N LEU B 61 -16.89 11.41 9.97
CA LEU B 61 -17.32 9.99 9.88
C LEU B 61 -18.75 9.86 10.40
N PRO B 62 -19.66 9.21 9.65
CA PRO B 62 -21.07 9.12 10.04
C PRO B 62 -21.31 8.26 11.29
N GLU B 63 -22.32 8.65 12.08
CA GLU B 63 -22.93 7.81 13.15
C GLU B 63 -23.18 6.40 12.57
N ARG B 64 -22.80 5.36 13.30
CA ARG B 64 -23.11 3.96 12.95
C ARG B 64 -24.40 3.57 13.69
N ARG B 65 -25.53 4.16 13.30
CA ARG B 65 -26.84 3.90 13.95
C ARG B 65 -27.24 2.44 13.71
N GLY B 66 -27.29 1.63 14.77
CA GLY B 66 -27.61 0.18 14.72
C GLY B 66 -26.56 -0.68 15.42
N THR B 67 -25.39 -0.11 15.72
CA THR B 67 -24.21 -0.84 16.27
C THR B 67 -24.52 -1.39 17.67
N CYS B 68 -25.40 -0.73 18.41
CA CYS B 68 -25.83 -1.17 19.77
C CYS B 68 -26.58 -2.50 19.64
N ALA B 69 -27.37 -2.66 18.57
CA ALA B 69 -28.04 -3.94 18.24
C ALA B 69 -26.98 -5.04 18.21
N ASP B 70 -25.95 -4.85 17.39
CA ASP B 70 -24.78 -5.76 17.25
C ASP B 70 -24.20 -6.05 18.64
N ARG B 71 -23.87 -4.99 19.39
CA ARG B 71 -23.20 -5.09 20.71
C ARG B 71 -24.02 -6.03 21.60
N ASP B 72 -25.29 -5.73 21.82
CA ASP B 72 -26.20 -6.48 22.72
C ASP B 72 -26.31 -7.94 22.24
N ASN B 73 -26.59 -8.13 20.95
CA ASN B 73 -26.77 -9.45 20.32
C ASN B 73 -25.53 -10.32 20.56
N LEU B 74 -24.34 -9.76 20.31
CA LEU B 74 -23.06 -10.48 20.57
C LEU B 74 -22.99 -10.79 22.06
N THR B 75 -23.12 -9.75 22.90
CA THR B 75 -23.01 -9.84 24.38
C THR B 75 -23.81 -11.06 24.85
N ARG B 76 -25.05 -11.20 24.37
CA ARG B 76 -25.93 -12.34 24.72
C ARG B 76 -25.25 -13.64 24.27
N ARG B 77 -25.00 -13.79 22.97
CA ARG B 77 -24.58 -15.07 22.35
C ARG B 77 -23.28 -15.58 22.97
N PHE B 78 -22.36 -14.66 23.29
CA PHE B 78 -21.02 -14.99 23.83
C PHE B 78 -21.12 -15.31 25.32
N SER B 79 -21.96 -14.58 26.05
CA SER B 79 -22.32 -14.90 27.46
C SER B 79 -22.83 -16.34 27.49
N ASP B 80 -23.74 -16.70 26.57
CA ASP B 80 -24.39 -18.03 26.53
C ASP B 80 -23.35 -19.11 26.25
N LEU B 81 -22.22 -18.76 25.62
CA LEU B 81 -21.11 -19.72 25.35
C LEU B 81 -20.10 -19.73 26.50
N GLY B 82 -20.32 -18.88 27.50
CA GLY B 82 -19.57 -18.91 28.78
C GLY B 82 -18.45 -17.89 28.83
N PHE B 83 -18.47 -16.90 27.94
CA PHE B 83 -17.48 -15.79 27.94
C PHE B 83 -17.89 -14.75 28.99
N GLU B 84 -16.90 -14.27 29.74
CA GLU B 84 -16.97 -12.98 30.47
C GLU B 84 -16.90 -11.87 29.41
N VAL B 85 -18.05 -11.36 28.97
CA VAL B 85 -18.16 -10.28 27.95
C VAL B 85 -17.86 -8.93 28.61
N LYS B 86 -17.11 -8.06 27.93
CA LYS B 86 -16.76 -6.71 28.44
C LYS B 86 -16.84 -5.71 27.28
N CYS B 87 -17.91 -4.91 27.23
CA CYS B 87 -18.17 -3.89 26.18
C CYS B 87 -17.54 -2.55 26.56
N PHE B 88 -17.23 -1.73 25.57
CA PHE B 88 -16.60 -0.39 25.75
C PHE B 88 -17.06 0.54 24.62
N ASN B 89 -18.05 1.35 24.95
CA ASN B 89 -18.73 2.27 24.01
C ASN B 89 -17.83 3.50 23.84
N ASP B 90 -17.38 3.72 22.60
CA ASP B 90 -16.88 5.02 22.08
C ASP B 90 -15.61 5.46 22.82
N LEU B 91 -14.70 4.53 23.05
CA LEU B 91 -13.38 4.83 23.64
C LEU B 91 -12.59 5.72 22.69
N LYS B 92 -11.82 6.67 23.24
CA LYS B 92 -10.74 7.36 22.51
C LYS B 92 -9.60 6.36 22.37
N ALA B 93 -8.58 6.68 21.56
CA ALA B 93 -7.41 5.83 21.31
C ALA B 93 -6.74 5.48 22.64
N GLU B 94 -6.22 6.48 23.35
CA GLU B 94 -5.49 6.24 24.64
C GLU B 94 -6.32 5.28 25.49
N GLU B 95 -7.58 5.63 25.77
CA GLU B 95 -8.51 4.81 26.59
C GLU B 95 -8.53 3.37 26.09
N LEU B 96 -8.59 3.18 24.76
CA LEU B 96 -8.75 1.85 24.12
C LEU B 96 -7.48 1.04 24.34
N LEU B 97 -6.36 1.54 23.85
CA LEU B 97 -5.03 0.89 24.00
C LEU B 97 -4.80 0.47 25.45
N LEU B 98 -5.17 1.32 26.42
CA LEU B 98 -5.02 1.00 27.86
C LEU B 98 -5.88 -0.22 28.19
N LYS B 99 -7.17 -0.19 27.85
CA LYS B 99 -8.10 -1.29 28.20
C LYS B 99 -7.57 -2.59 27.59
N ILE B 100 -7.10 -2.54 26.35
CA ILE B 100 -6.73 -3.79 25.64
C ILE B 100 -5.35 -4.26 26.11
N HIS B 101 -4.45 -3.34 26.47
CA HIS B 101 -3.13 -3.69 27.04
C HIS B 101 -3.34 -4.33 28.42
N GLU B 102 -4.08 -3.65 29.29
CA GLU B 102 -4.63 -4.21 30.57
C GLU B 102 -4.94 -5.69 30.36
N VAL B 103 -5.82 -5.99 29.40
CA VAL B 103 -6.35 -7.36 29.19
C VAL B 103 -5.21 -8.30 28.75
N SER B 104 -4.32 -7.85 27.86
CA SER B 104 -3.20 -8.69 27.35
C SER B 104 -2.29 -9.13 28.51
N THR B 105 -2.13 -8.30 29.55
CA THR B 105 -1.11 -8.46 30.63
C THR B 105 -1.70 -9.21 31.84
N VAL B 106 -3.01 -9.13 32.07
CA VAL B 106 -3.74 -10.07 32.96
C VAL B 106 -3.43 -11.50 32.50
N SER B 107 -3.46 -12.47 33.42
CA SER B 107 -3.24 -13.91 33.15
C SER B 107 -4.52 -14.56 32.62
N HIS B 108 -4.41 -15.23 31.48
CA HIS B 108 -5.48 -16.06 30.85
C HIS B 108 -5.18 -17.55 31.05
N ALA B 109 -4.21 -17.87 31.93
CA ALA B 109 -3.75 -19.24 32.25
C ALA B 109 -4.93 -20.20 32.43
N ASP B 110 -5.99 -19.78 33.12
CA ASP B 110 -7.14 -20.66 33.48
C ASP B 110 -8.27 -20.59 32.45
N ALA B 111 -8.03 -19.99 31.29
CA ALA B 111 -9.06 -19.68 30.24
C ALA B 111 -8.80 -20.49 28.96
N ASP B 112 -9.89 -20.94 28.32
CA ASP B 112 -9.89 -21.76 27.07
C ASP B 112 -9.33 -20.96 25.91
N CYS B 113 -9.69 -19.67 25.79
CA CYS B 113 -9.41 -18.84 24.60
C CYS B 113 -9.71 -17.37 24.87
N PHE B 114 -9.45 -16.54 23.86
CA PHE B 114 -9.70 -15.08 23.90
C PHE B 114 -10.44 -14.64 22.64
N VAL B 115 -11.40 -13.74 22.81
CA VAL B 115 -12.20 -13.15 21.71
C VAL B 115 -12.10 -11.63 21.83
N CYS B 116 -12.08 -10.95 20.69
CA CYS B 116 -12.05 -9.47 20.63
C CYS B 116 -12.85 -9.03 19.41
N VAL B 117 -13.71 -8.02 19.58
CA VAL B 117 -14.67 -7.61 18.52
C VAL B 117 -14.63 -6.09 18.36
N PHE B 118 -14.61 -5.62 17.11
CA PHE B 118 -14.61 -4.18 16.76
C PHE B 118 -15.79 -3.85 15.86
N LEU B 119 -16.68 -3.02 16.38
CA LEU B 119 -17.81 -2.42 15.66
C LEU B 119 -17.46 -0.94 15.48
N SER B 120 -16.87 -0.62 14.33
CA SER B 120 -16.44 0.75 13.98
C SER B 120 -16.30 0.91 12.47
N HIS B 121 -15.63 1.99 12.08
CA HIS B 121 -15.15 2.25 10.70
C HIS B 121 -13.68 1.87 10.64
N GLY B 122 -13.14 1.67 9.43
CA GLY B 122 -11.72 1.33 9.23
C GLY B 122 -11.27 1.65 7.82
N GLU B 123 -9.96 1.81 7.63
CA GLU B 123 -9.29 1.92 6.32
C GLU B 123 -8.08 0.99 6.37
N GLY B 124 -7.84 0.22 5.32
CA GLY B 124 -6.64 -0.63 5.19
C GLY B 124 -6.39 -1.46 6.43
N ASN B 125 -5.34 -1.13 7.18
CA ASN B 125 -4.89 -1.91 8.36
C ASN B 125 -5.19 -1.12 9.63
N HIS B 126 -6.19 -0.24 9.57
CA HIS B 126 -6.60 0.63 10.69
C HIS B 126 -8.07 0.40 11.06
N ILE B 127 -8.34 0.47 12.35
CA ILE B 127 -9.70 0.63 12.94
C ILE B 127 -9.79 2.06 13.46
N TYR B 128 -11.00 2.63 13.48
CA TYR B 128 -11.25 3.96 14.06
C TYR B 128 -11.74 3.80 15.51
N ALA B 129 -10.95 4.34 16.45
CA ALA B 129 -11.44 4.75 17.78
C ALA B 129 -12.24 6.05 17.59
N TYR B 130 -12.83 6.59 18.66
CA TYR B 130 -13.58 7.87 18.62
C TYR B 130 -12.71 8.97 17.99
N ASP B 131 -11.45 9.13 18.42
CA ASP B 131 -10.63 10.32 18.09
C ASP B 131 -9.68 10.05 16.90
N ALA B 132 -9.12 8.85 16.72
CA ALA B 132 -8.20 8.56 15.58
C ALA B 132 -8.12 7.06 15.28
N LYS B 133 -7.36 6.71 14.24
CA LYS B 133 -7.27 5.33 13.69
C LYS B 133 -6.14 4.59 14.40
N ILE B 134 -6.29 3.26 14.47
CA ILE B 134 -5.34 2.37 15.20
C ILE B 134 -4.94 1.19 14.30
N GLU B 135 -3.64 1.03 14.14
CA GLU B 135 -3.01 -0.11 13.44
C GLU B 135 -3.48 -1.39 14.10
N ILE B 136 -4.27 -2.19 13.39
CA ILE B 136 -4.78 -3.50 13.87
C ILE B 136 -3.59 -4.37 14.30
N GLN B 137 -2.52 -4.40 13.50
CA GLN B 137 -1.29 -5.19 13.78
C GLN B 137 -0.91 -5.04 15.26
N THR B 138 -0.96 -3.81 15.79
CA THR B 138 -0.50 -3.52 17.17
C THR B 138 -1.46 -4.13 18.20
N LEU B 139 -2.76 -4.21 17.89
CA LEU B 139 -3.79 -4.75 18.81
C LEU B 139 -3.69 -6.27 18.90
N THR B 140 -3.56 -6.94 17.74
CA THR B 140 -3.32 -8.40 17.63
C THR B 140 -1.92 -8.70 18.19
N GLY B 141 -0.96 -7.81 17.92
CA GLY B 141 0.45 -7.92 18.37
C GLY B 141 0.56 -8.15 19.87
N LEU B 142 -0.46 -7.73 20.65
CA LEU B 142 -0.44 -7.80 22.13
C LEU B 142 -0.64 -9.25 22.60
N PHE B 143 -1.26 -10.09 21.79
CA PHE B 143 -1.65 -11.47 22.17
C PHE B 143 -0.73 -12.51 21.52
N LYS B 144 0.15 -12.06 20.61
CA LYS B 144 1.26 -12.88 20.04
C LYS B 144 1.99 -13.56 21.21
N GLY B 145 2.13 -14.89 21.15
CA GLY B 145 2.67 -15.72 22.25
C GLY B 145 3.90 -15.14 22.91
N ASP B 146 4.75 -14.46 22.13
CA ASP B 146 5.87 -13.61 22.61
C ASP B 146 5.41 -12.79 23.83
N LYS B 147 4.33 -12.03 23.64
CA LYS B 147 3.91 -10.89 24.50
C LYS B 147 2.84 -11.32 25.50
N CYS B 148 2.18 -12.46 25.30
CA CYS B 148 1.07 -12.96 26.17
C CYS B 148 1.19 -14.48 26.30
N HIS B 149 2.03 -14.93 27.23
CA HIS B 149 2.35 -16.37 27.45
C HIS B 149 1.07 -17.13 27.81
N SER B 150 0.20 -16.51 28.62
CA SER B 150 -1.05 -17.14 29.16
C SER B 150 -1.92 -17.70 28.02
N LEU B 151 -1.76 -17.20 26.79
CA LEU B 151 -2.66 -17.49 25.64
C LEU B 151 -1.92 -18.22 24.50
N VAL B 152 -0.58 -18.32 24.57
CA VAL B 152 0.22 -19.24 23.70
C VAL B 152 -0.53 -20.58 23.62
N GLY B 153 -0.82 -21.04 22.39
CA GLY B 153 -1.40 -22.36 22.11
C GLY B 153 -2.92 -22.36 22.20
N LYS B 154 -3.52 -21.24 22.63
CA LYS B 154 -4.99 -21.07 22.75
C LYS B 154 -5.47 -20.21 21.59
N PRO B 155 -6.71 -20.41 21.10
CA PRO B 155 -7.22 -19.64 19.98
C PRO B 155 -7.49 -18.19 20.38
N LYS B 156 -7.18 -17.26 19.47
CA LYS B 156 -7.35 -15.80 19.67
C LYS B 156 -8.19 -15.28 18.50
N ILE B 157 -9.50 -15.16 18.71
CA ILE B 157 -10.45 -14.77 17.63
C ILE B 157 -10.62 -13.26 17.64
N PHE B 158 -10.40 -12.63 16.49
CA PHE B 158 -10.80 -11.23 16.25
C PHE B 158 -11.91 -11.20 15.20
N ILE B 159 -12.95 -10.44 15.51
CA ILE B 159 -14.14 -10.24 14.65
C ILE B 159 -14.26 -8.75 14.37
N ILE B 160 -14.30 -8.39 13.09
CA ILE B 160 -14.13 -6.98 12.66
C ILE B 160 -15.25 -6.61 11.69
N GLN B 161 -16.20 -5.83 12.20
CA GLN B 161 -17.30 -5.20 11.45
C GLN B 161 -16.86 -3.73 11.27
N ALA B 162 -16.10 -3.46 10.22
CA ALA B 162 -15.52 -2.13 9.94
C ALA B 162 -15.49 -1.90 8.44
N ALA B 163 -15.76 -0.66 8.01
CA ALA B 163 -15.78 -0.24 6.59
C ALA B 163 -15.73 1.29 6.49
N ARG B 164 -15.65 1.82 5.27
CA ARG B 164 -15.51 3.26 4.93
C ARG B 164 -16.86 3.97 5.11
N GLY B 165 -16.94 4.98 5.98
CA GLY B 165 -18.16 5.77 6.22
C GLY B 165 -18.52 6.67 5.05
N ASN B 166 -19.64 6.40 4.36
CA ASN B 166 -19.93 6.90 2.99
C ASN B 166 -20.47 8.35 3.00
N GLN B 167 -21.48 8.65 3.84
CA GLN B 167 -22.36 9.86 3.73
C GLN B 167 -22.99 9.87 2.32
N THR B 187 -38.69 3.67 9.54
CA THR B 187 -38.00 3.69 10.86
C THR B 187 -36.63 3.01 10.75
N ASN B 188 -36.60 1.75 10.29
CA ASN B 188 -35.39 0.90 10.16
C ASN B 188 -34.94 0.92 8.69
N ILE B 189 -34.01 1.82 8.35
CA ILE B 189 -33.36 1.91 7.01
C ILE B 189 -32.11 1.02 7.02
N THR B 190 -31.68 0.57 5.83
CA THR B 190 -30.42 -0.17 5.60
C THR B 190 -29.38 0.79 5.02
N GLU B 191 -28.29 1.03 5.75
CA GLU B 191 -27.11 1.82 5.26
C GLU B 191 -26.05 0.84 4.74
N VAL B 192 -25.24 1.28 3.78
CA VAL B 192 -24.30 0.41 3.02
C VAL B 192 -22.96 1.13 2.78
N ASP B 193 -21.87 0.57 3.31
CA ASP B 193 -20.48 1.07 3.16
C ASP B 193 -19.70 0.12 2.24
N ALA B 194 -18.69 0.67 1.55
CA ALA B 194 -17.73 -0.10 0.73
C ALA B 194 -16.74 -0.78 1.68
N ALA B 195 -16.39 -2.05 1.42
CA ALA B 195 -15.22 -2.72 2.06
C ALA B 195 -14.04 -1.76 2.02
N SER B 196 -13.29 -1.66 3.11
CA SER B 196 -12.12 -0.75 3.24
C SER B 196 -10.96 -1.44 3.97
N VAL B 197 -11.27 -2.24 4.99
CA VAL B 197 -10.26 -2.86 5.90
C VAL B 197 -9.68 -4.10 5.24
N TYR B 198 -8.34 -4.17 5.17
CA TYR B 198 -7.59 -5.34 4.63
C TYR B 198 -7.94 -6.56 5.47
N THR B 199 -8.10 -7.71 4.81
CA THR B 199 -8.53 -8.98 5.47
C THR B 199 -7.25 -9.71 5.89
N LEU B 200 -6.44 -9.04 6.71
CA LEU B 200 -5.11 -9.54 7.11
C LEU B 200 -5.30 -10.73 8.04
N PRO B 201 -4.30 -11.62 8.12
CA PRO B 201 -4.22 -12.62 9.17
C PRO B 201 -3.47 -11.97 10.34
N ALA B 202 -3.24 -12.70 11.44
CA ALA B 202 -2.38 -12.22 12.54
C ALA B 202 -1.19 -13.16 12.67
N GLY B 203 -1.06 -13.86 13.81
CA GLY B 203 -0.04 -14.90 14.03
C GLY B 203 -0.65 -16.28 14.17
N ALA B 204 0.15 -17.23 14.65
CA ALA B 204 -0.27 -18.60 15.01
C ALA B 204 -1.47 -18.55 15.97
N ASP B 205 -2.46 -19.40 15.71
CA ASP B 205 -3.62 -19.67 16.60
C ASP B 205 -4.51 -18.43 16.67
N PHE B 206 -4.39 -17.53 15.71
CA PHE B 206 -5.34 -16.40 15.51
C PHE B 206 -6.32 -16.74 14.39
N LEU B 207 -7.58 -16.39 14.61
CA LEU B 207 -8.63 -16.45 13.58
C LEU B 207 -9.22 -15.06 13.38
N MET B 208 -8.88 -14.43 12.26
CA MET B 208 -9.37 -13.07 11.89
C MET B 208 -10.63 -13.24 11.07
N CYS B 209 -11.74 -12.63 11.51
CA CYS B 209 -13.08 -12.75 10.91
C CYS B 209 -13.57 -11.36 10.49
N TYR B 210 -14.02 -11.24 9.25
CA TYR B 210 -14.23 -9.94 8.57
C TYR B 210 -15.64 -9.90 7.99
N SER B 211 -16.39 -8.85 8.34
CA SER B 211 -17.76 -8.53 7.88
C SER B 211 -17.85 -8.59 6.35
N VAL B 212 -16.78 -8.21 5.65
CA VAL B 212 -16.80 -8.00 4.18
C VAL B 212 -15.38 -8.14 3.63
N ALA B 213 -15.28 -8.56 2.37
CA ALA B 213 -14.02 -8.78 1.62
C ALA B 213 -13.81 -7.64 0.61
N GLU B 214 -12.60 -7.46 0.10
CA GLU B 214 -12.25 -6.46 -0.94
C GLU B 214 -13.28 -6.53 -2.08
N GLY B 215 -13.70 -5.37 -2.59
CA GLY B 215 -14.61 -5.26 -3.76
C GLY B 215 -16.06 -5.23 -3.34
N TYR B 216 -16.44 -6.00 -2.33
CA TYR B 216 -17.84 -6.13 -1.85
C TYR B 216 -18.20 -4.97 -0.92
N TYR B 217 -19.43 -5.03 -0.37
CA TYR B 217 -20.11 -3.94 0.37
C TYR B 217 -20.67 -4.48 1.68
N SER B 218 -20.79 -3.62 2.70
CA SER B 218 -21.14 -3.97 4.09
C SER B 218 -22.41 -3.24 4.53
N HIS B 219 -23.46 -3.98 4.91
CA HIS B 219 -24.84 -3.48 5.18
C HIS B 219 -25.11 -3.44 6.69
N ARG B 220 -25.77 -2.38 7.17
CA ARG B 220 -26.25 -2.27 8.57
C ARG B 220 -27.66 -1.67 8.61
N GLU B 221 -28.63 -2.46 9.10
CA GLU B 221 -30.01 -2.02 9.43
C GLU B 221 -29.93 -1.15 10.69
N THR B 222 -30.48 0.07 10.67
CA THR B 222 -30.33 1.08 11.76
C THR B 222 -30.95 0.62 13.08
N VAL B 223 -31.77 -0.45 13.08
CA VAL B 223 -32.43 -0.96 14.33
C VAL B 223 -31.95 -2.38 14.62
N ASN B 224 -31.84 -3.23 13.58
CA ASN B 224 -31.51 -4.67 13.73
C ASN B 224 -30.00 -4.87 13.70
N GLY B 225 -29.27 -3.90 13.14
CA GLY B 225 -27.79 -3.86 13.12
C GLY B 225 -27.21 -4.50 11.85
N SER B 226 -25.89 -4.70 11.86
CA SER B 226 -25.08 -5.23 10.73
C SER B 226 -25.61 -6.59 10.30
N TRP B 227 -25.66 -6.83 8.99
CA TRP B 227 -26.01 -8.14 8.38
C TRP B 227 -25.10 -9.23 8.94
N TYR B 228 -23.77 -9.01 8.87
CA TYR B 228 -22.73 -9.95 9.36
C TYR B 228 -23.10 -10.44 10.76
N ILE B 229 -23.38 -9.49 11.65
CA ILE B 229 -23.58 -9.75 13.10
C ILE B 229 -24.91 -10.48 13.32
N GLN B 230 -25.99 -9.98 12.68
CA GLN B 230 -27.32 -10.63 12.72
C GLN B 230 -27.11 -12.12 12.46
N ASP B 231 -26.51 -12.43 11.31
CA ASP B 231 -26.37 -13.81 10.79
C ASP B 231 -25.35 -14.57 11.63
N LEU B 232 -24.27 -13.91 12.07
CA LEU B 232 -23.28 -14.54 12.97
C LEU B 232 -24.00 -15.02 14.23
N CYS B 233 -24.69 -14.09 14.90
CA CYS B 233 -25.39 -14.32 16.18
C CYS B 233 -26.52 -15.34 16.00
N GLU B 234 -27.21 -15.33 14.85
CA GLU B 234 -28.25 -16.36 14.56
C GLU B 234 -27.57 -17.72 14.63
N MET B 235 -26.42 -17.87 13.98
CA MET B 235 -25.68 -19.15 13.89
C MET B 235 -25.12 -19.51 15.27
N LEU B 236 -24.61 -18.54 16.00
CA LEU B 236 -24.06 -18.78 17.37
C LEU B 236 -25.16 -19.35 18.26
N GLY B 237 -26.34 -18.72 18.24
CA GLY B 237 -27.53 -19.14 18.99
C GLY B 237 -27.93 -20.56 18.63
N LYS B 238 -27.98 -20.87 17.33
CA LYS B 238 -28.44 -22.20 16.85
C LYS B 238 -27.35 -23.23 17.10
N TYR B 239 -26.10 -22.95 16.72
CA TYR B 239 -25.07 -23.99 16.47
C TYR B 239 -23.78 -23.77 17.28
N GLY B 240 -23.64 -22.63 17.97
CA GLY B 240 -22.42 -22.25 18.71
C GLY B 240 -21.79 -23.42 19.45
N SER B 241 -22.59 -24.17 20.22
CA SER B 241 -22.12 -25.22 21.17
C SER B 241 -21.71 -26.51 20.43
N SER B 242 -22.43 -26.89 19.37
CA SER B 242 -22.20 -28.15 18.60
C SER B 242 -21.05 -27.99 17.60
N LEU B 243 -21.18 -27.05 16.66
CA LEU B 243 -20.33 -26.96 15.45
C LEU B 243 -18.93 -26.42 15.75
N GLU B 244 -17.95 -26.97 15.02
CA GLU B 244 -16.61 -26.39 14.79
C GLU B 244 -16.82 -24.96 14.29
N PHE B 245 -16.04 -24.02 14.83
CA PHE B 245 -16.29 -22.57 14.69
C PHE B 245 -16.13 -22.13 13.23
N THR B 246 -15.06 -22.52 12.56
CA THR B 246 -14.83 -22.17 11.12
C THR B 246 -15.95 -22.74 10.27
N GLU B 247 -16.45 -23.94 10.60
CA GLU B 247 -17.62 -24.56 9.90
C GLU B 247 -18.78 -23.58 9.96
N LEU B 248 -19.02 -23.07 11.16
CA LEU B 248 -20.06 -22.06 11.47
C LEU B 248 -19.80 -20.79 10.65
N LEU B 249 -18.59 -20.24 10.74
CA LEU B 249 -18.18 -19.00 10.01
C LEU B 249 -18.49 -19.14 8.52
N THR B 250 -18.33 -20.35 7.97
CA THR B 250 -18.64 -20.71 6.57
C THR B 250 -20.17 -20.64 6.36
N LEU B 251 -20.95 -21.08 7.34
CA LEU B 251 -22.43 -20.93 7.33
C LEU B 251 -22.78 -19.46 7.22
N VAL B 252 -22.06 -18.61 7.94
CA VAL B 252 -22.29 -17.14 7.95
C VAL B 252 -21.96 -16.60 6.57
N ASN B 253 -20.84 -17.04 5.97
CA ASN B 253 -20.46 -16.67 4.58
C ASN B 253 -21.62 -16.99 3.65
N ARG B 254 -22.21 -18.19 3.77
CA ARG B 254 -23.38 -18.59 2.96
C ARG B 254 -24.53 -17.62 3.25
N LYS B 255 -24.98 -17.58 4.51
CA LYS B 255 -26.19 -16.83 4.94
C LYS B 255 -26.15 -15.40 4.39
N VAL B 256 -25.00 -14.74 4.49
CA VAL B 256 -24.82 -13.30 4.13
C VAL B 256 -24.74 -13.15 2.60
N SER B 257 -23.98 -13.99 1.91
CA SER B 257 -23.87 -13.95 0.43
C SER B 257 -25.28 -14.08 -0.16
N GLN B 258 -26.06 -15.02 0.38
CA GLN B 258 -27.44 -15.39 -0.04
C GLN B 258 -28.45 -14.25 0.18
N ARG B 259 -28.14 -13.25 1.00
CA ARG B 259 -29.04 -12.08 1.18
C ARG B 259 -29.19 -11.36 -0.17
N ARG B 260 -30.43 -11.19 -0.62
CA ARG B 260 -30.76 -10.62 -1.96
C ARG B 260 -30.66 -9.10 -1.88
N VAL B 261 -30.12 -8.47 -2.94
CA VAL B 261 -29.85 -7.00 -3.02
C VAL B 261 -30.25 -6.51 -4.42
N ASP B 262 -31.34 -7.04 -4.95
CA ASP B 262 -31.90 -6.72 -6.30
C ASP B 262 -33.00 -5.65 -6.14
N PHE B 263 -34.11 -5.98 -5.45
CA PHE B 263 -35.24 -5.04 -5.20
C PHE B 263 -34.95 -4.27 -3.90
N CYS B 264 -34.53 -2.99 -4.00
CA CYS B 264 -34.05 -2.14 -2.89
C CYS B 264 -34.69 -0.74 -2.94
N LYS B 265 -35.02 -0.17 -1.76
CA LYS B 265 -35.74 1.12 -1.60
C LYS B 265 -34.83 2.29 -1.98
N ASP B 266 -33.50 2.12 -1.91
CA ASP B 266 -32.53 3.05 -2.53
C ASP B 266 -32.21 2.54 -3.93
N PRO B 267 -32.38 3.37 -4.99
CA PRO B 267 -31.97 2.99 -6.35
C PRO B 267 -30.48 2.61 -6.43
N SER B 268 -29.60 3.40 -5.81
CA SER B 268 -28.12 3.31 -5.93
C SER B 268 -27.54 2.18 -5.06
N ALA B 269 -28.32 1.61 -4.13
CA ALA B 269 -27.90 0.52 -3.23
C ALA B 269 -28.21 -0.86 -3.83
N ILE B 270 -28.69 -0.91 -5.08
CA ILE B 270 -29.01 -2.17 -5.80
C ILE B 270 -27.70 -2.82 -6.28
N GLY B 271 -27.64 -4.16 -6.23
CA GLY B 271 -26.56 -4.99 -6.83
C GLY B 271 -25.22 -4.81 -6.12
N LYS B 272 -25.24 -4.40 -4.85
CA LYS B 272 -24.06 -4.26 -3.98
C LYS B 272 -24.03 -5.46 -3.02
N LYS B 273 -23.41 -6.58 -3.41
CA LYS B 273 -23.46 -7.82 -2.59
C LYS B 273 -22.53 -7.68 -1.38
N GLN B 274 -22.74 -8.54 -0.38
CA GLN B 274 -21.85 -8.67 0.79
C GLN B 274 -21.37 -10.11 0.87
N VAL B 275 -20.05 -10.29 0.89
CA VAL B 275 -19.37 -11.60 1.14
C VAL B 275 -18.32 -11.34 2.21
N PRO B 276 -18.55 -11.86 3.44
CA PRO B 276 -17.55 -11.83 4.49
C PRO B 276 -16.53 -12.94 4.25
N CYS B 277 -15.33 -12.78 4.79
CA CYS B 277 -14.30 -13.85 4.79
C CYS B 277 -13.78 -14.08 6.21
N PHE B 278 -12.86 -15.04 6.34
CA PHE B 278 -12.07 -15.24 7.57
C PHE B 278 -10.69 -15.78 7.19
N ALA B 279 -9.65 -15.35 7.91
CA ALA B 279 -8.26 -15.81 7.73
C ALA B 279 -7.87 -16.67 8.93
N SER B 280 -7.98 -17.99 8.80
CA SER B 280 -7.57 -18.96 9.85
C SER B 280 -6.05 -19.13 9.78
N MET B 281 -5.40 -18.92 10.92
CA MET B 281 -4.02 -19.37 11.17
C MET B 281 -4.06 -20.30 12.38
N LEU B 282 -5.24 -20.88 12.61
CA LEU B 282 -5.47 -21.91 13.64
C LEU B 282 -4.81 -23.21 13.20
N THR B 283 -4.57 -24.09 14.17
CA THR B 283 -3.80 -25.34 13.98
C THR B 283 -4.62 -26.54 14.45
N LYS B 284 -5.82 -26.32 14.98
CA LYS B 284 -6.68 -27.43 15.51
C LYS B 284 -8.14 -27.04 15.32
N LYS B 285 -9.02 -28.03 15.50
CA LYS B 285 -10.48 -27.81 15.49
C LYS B 285 -10.84 -26.97 16.71
N LEU B 286 -11.84 -26.11 16.58
CA LEU B 286 -12.29 -25.18 17.65
C LEU B 286 -13.78 -25.40 17.88
N HIS B 287 -14.14 -25.96 19.04
CA HIS B 287 -15.55 -26.14 19.48
C HIS B 287 -15.79 -25.40 20.79
N PHE B 288 -17.01 -24.89 20.95
CA PHE B 288 -17.46 -24.21 22.19
C PHE B 288 -18.53 -25.08 22.85
N PHE B 289 -18.18 -26.33 23.14
CA PHE B 289 -19.04 -27.30 23.85
C PHE B 289 -19.44 -26.70 25.19
N PRO B 290 -20.67 -26.97 25.69
CA PRO B 290 -21.09 -26.48 27.00
C PRO B 290 -20.04 -26.91 28.04
N LYS B 291 -19.63 -25.98 28.91
CA LYS B 291 -18.72 -26.27 30.04
C LYS B 291 -19.55 -26.85 31.19
N SER B 292 -19.04 -27.85 31.92
CA SER B 292 -19.76 -28.47 33.07
C SER B 292 -19.43 -27.69 34.35
N ASN B 293 -20.44 -27.35 35.16
CA ASN B 293 -20.25 -26.61 36.45
C ASN B 293 -21.48 -26.83 37.34
N MET C 30 -0.92 37.95 -21.48
CA MET C 30 0.45 38.55 -21.35
C MET C 30 1.26 37.74 -20.32
N PHE C 31 1.35 36.44 -20.55
CA PHE C 31 1.96 35.41 -19.66
C PHE C 31 3.45 35.68 -19.40
N ASP C 32 3.85 35.79 -18.13
CA ASP C 32 5.19 36.26 -17.68
C ASP C 32 5.96 35.12 -17.00
N PRO C 33 7.15 34.72 -17.53
CA PRO C 33 7.97 33.67 -16.91
C PRO C 33 8.67 34.02 -15.59
N ALA C 34 8.91 35.31 -15.31
CA ALA C 34 9.61 35.78 -14.09
C ALA C 34 8.58 36.07 -12.99
N GLU C 35 7.33 35.60 -13.16
CA GLU C 35 6.18 35.96 -12.30
C GLU C 35 6.39 35.38 -10.90
N LYS C 36 6.18 36.22 -9.89
CA LYS C 36 6.31 35.87 -8.44
C LYS C 36 4.92 35.88 -7.80
N TYR C 37 4.74 35.08 -6.75
CA TYR C 37 3.62 35.20 -5.79
C TYR C 37 3.70 36.62 -5.20
N LYS C 38 2.57 37.27 -4.96
CA LYS C 38 2.56 38.63 -4.36
C LYS C 38 2.72 38.48 -2.83
N MET C 39 3.84 39.01 -2.33
CA MET C 39 4.23 38.92 -0.90
C MET C 39 4.21 40.33 -0.30
N ASP C 40 3.15 41.08 -0.61
CA ASP C 40 2.96 42.51 -0.22
C ASP C 40 1.71 42.66 0.67
N HIS C 41 1.10 41.58 1.14
CA HIS C 41 -0.07 41.61 2.06
C HIS C 41 0.39 42.22 3.39
N ARG C 42 -0.54 42.71 4.21
CA ARG C 42 -0.20 43.45 5.45
C ARG C 42 0.78 42.61 6.29
N ARG C 43 0.37 41.38 6.62
CA ARG C 43 1.17 40.40 7.41
C ARG C 43 1.72 39.32 6.46
N ARG C 44 2.84 38.70 6.84
CA ARG C 44 3.47 37.57 6.10
C ARG C 44 2.57 36.34 6.18
N GLY C 45 2.17 35.97 7.39
CA GLY C 45 1.23 34.87 7.67
C GLY C 45 1.66 34.07 8.89
N ILE C 46 1.01 32.93 9.09
CA ILE C 46 1.25 32.03 10.27
C ILE C 46 2.25 30.95 9.86
N ALA C 47 3.10 30.54 10.81
CA ALA C 47 3.88 29.28 10.75
C ALA C 47 3.50 28.41 11.94
N LEU C 48 2.76 27.32 11.69
CA LEU C 48 2.45 26.29 12.71
C LEU C 48 3.64 25.35 12.84
N ILE C 49 3.98 24.99 14.07
CA ILE C 49 5.04 23.99 14.36
C ILE C 49 4.46 23.01 15.39
N PHE C 50 4.13 21.81 14.93
CA PHE C 50 3.79 20.67 15.81
C PHE C 50 5.10 19.94 16.12
N ASN C 51 5.39 19.83 17.41
CA ASN C 51 6.71 19.36 17.89
C ASN C 51 6.52 18.22 18.89
N HIS C 52 6.80 16.99 18.45
CA HIS C 52 6.59 15.74 19.23
C HIS C 52 7.95 15.17 19.64
N GLU C 53 8.14 15.00 20.96
CA GLU C 53 9.39 14.49 21.59
C GLU C 53 9.10 13.18 22.34
N ARG C 54 7.99 13.12 23.06
CA ARG C 54 7.49 11.90 23.73
C ARG C 54 6.21 11.44 23.02
N PHE C 55 5.86 10.18 23.26
CA PHE C 55 4.63 9.53 22.73
C PHE C 55 4.09 8.61 23.81
N PHE C 56 2.77 8.48 23.86
CA PHE C 56 2.01 7.50 24.68
C PHE C 56 2.81 6.19 24.79
N TRP C 57 3.03 5.70 26.01
CA TRP C 57 3.91 4.52 26.28
C TRP C 57 3.59 3.41 25.26
N HIS C 58 2.30 3.09 25.14
CA HIS C 58 1.73 1.88 24.49
C HIS C 58 1.73 2.01 22.97
N LEU C 59 2.49 2.96 22.41
CA LEU C 59 2.84 3.01 20.97
C LEU C 59 4.24 2.41 20.77
N THR C 60 5.04 2.37 21.83
CA THR C 60 6.47 1.93 21.80
C THR C 60 7.18 2.72 20.70
N LEU C 61 7.26 4.05 20.88
CA LEU C 61 7.99 4.97 19.98
C LEU C 61 9.02 5.74 20.79
N PRO C 62 10.29 5.79 20.33
CA PRO C 62 11.36 6.42 21.09
C PRO C 62 11.22 7.94 21.22
N GLU C 63 11.66 8.51 22.35
CA GLU C 63 11.89 9.95 22.52
C GLU C 63 12.67 10.47 21.32
N ARG C 64 12.24 11.60 20.74
CA ARG C 64 12.99 12.31 19.68
C ARG C 64 13.88 13.37 20.36
N ARG C 65 14.89 12.94 21.11
CA ARG C 65 15.80 13.88 21.85
C ARG C 65 16.56 14.72 20.82
N GLY C 66 16.31 16.03 20.80
CA GLY C 66 16.94 17.00 19.89
C GLY C 66 15.91 17.83 19.12
N THR C 67 14.64 17.43 19.14
CA THR C 67 13.53 18.05 18.36
C THR C 67 13.29 19.50 18.83
N CYS C 68 13.57 19.80 20.10
CA CYS C 68 13.42 21.17 20.66
C CYS C 68 14.42 22.10 19.97
N ALA C 69 15.61 21.60 19.67
CA ALA C 69 16.64 22.34 18.89
C ALA C 69 15.99 22.80 17.58
N ASP C 70 15.43 21.84 16.84
CA ASP C 70 14.72 22.08 15.55
C ASP C 70 13.63 23.14 15.77
N ARG C 71 12.76 22.93 16.77
CA ARG C 71 11.60 23.81 17.05
C ARG C 71 12.10 25.25 17.19
N ASP C 72 13.03 25.48 18.12
CA ASP C 72 13.55 26.83 18.46
C ASP C 72 14.21 27.44 17.23
N ASN C 73 15.09 26.70 16.57
CA ASN C 73 15.84 27.15 15.37
C ASN C 73 14.87 27.60 14.29
N LEU C 74 13.84 26.81 14.00
CA LEU C 74 12.81 27.19 13.02
C LEU C 74 12.11 28.45 13.51
N THR C 75 11.60 28.40 14.75
CA THR C 75 10.82 29.50 15.38
C THR C 75 11.55 30.82 15.14
N ARG C 76 12.86 30.83 15.39
CA ARG C 76 13.71 32.03 15.19
C ARG C 76 13.65 32.42 13.71
N ARG C 77 14.10 31.53 12.82
CA ARG C 77 14.35 31.86 11.39
C ARG C 77 13.06 32.36 10.73
N PHE C 78 11.92 31.78 11.09
CA PHE C 78 10.59 32.09 10.48
C PHE C 78 10.05 33.40 11.08
N SER C 79 10.24 33.61 12.38
CA SER C 79 9.95 34.89 13.05
C SER C 79 10.70 36.00 12.31
N ASP C 80 12.00 35.78 12.02
CA ASP C 80 12.88 36.78 11.37
C ASP C 80 12.38 37.09 9.97
N LEU C 81 11.66 36.17 9.33
CA LEU C 81 11.06 36.37 7.98
C LEU C 81 9.66 36.97 8.08
N GLY C 82 9.17 37.18 9.30
CA GLY C 82 7.95 37.96 9.58
C GLY C 82 6.73 37.07 9.78
N PHE C 83 6.94 35.78 10.04
CA PHE C 83 5.84 34.85 10.39
C PHE C 83 5.45 35.02 11.85
N GLU C 84 4.15 35.06 12.11
CA GLU C 84 3.54 34.78 13.44
C GLU C 84 3.70 33.27 13.68
N VAL C 85 4.76 32.86 14.36
CA VAL C 85 5.09 31.43 14.64
C VAL C 85 4.24 30.97 15.82
N LYS C 86 3.69 29.75 15.76
CA LYS C 86 2.85 29.16 16.84
C LYS C 86 3.24 27.70 17.01
N CYS C 87 4.01 27.39 18.05
CA CYS C 87 4.50 26.03 18.40
C CYS C 87 3.48 25.31 19.27
N PHE C 88 3.48 23.99 19.19
CA PHE C 88 2.56 23.11 19.97
C PHE C 88 3.26 21.80 20.28
N ASN C 89 3.79 21.73 21.50
CA ASN C 89 4.58 20.59 22.00
C ASN C 89 3.60 19.48 22.40
N ASP C 90 3.70 18.35 21.72
CA ASP C 90 3.21 17.00 22.18
C ASP C 90 1.68 17.01 22.27
N LEU C 91 1.02 17.61 21.28
CA LEU C 91 -0.46 17.58 21.20
C LEU C 91 -0.94 16.13 20.99
N LYS C 92 -2.07 15.79 21.60
CA LYS C 92 -2.82 14.58 21.24
C LYS C 92 -3.51 14.88 19.91
N ALA C 93 -4.07 13.86 19.26
CA ALA C 93 -4.77 13.97 17.96
C ALA C 93 -5.87 15.03 18.07
N GLU C 94 -6.89 14.80 18.92
CA GLU C 94 -8.03 15.72 19.07
C GLU C 94 -7.50 17.16 19.16
N GLU C 95 -6.63 17.42 20.14
CA GLU C 95 -6.02 18.75 20.40
C GLU C 95 -5.45 19.31 19.09
N LEU C 96 -4.73 18.47 18.33
CA LEU C 96 -4.00 18.89 17.11
C LEU C 96 -5.00 19.30 16.03
N LEU C 97 -5.85 18.37 15.63
CA LEU C 97 -6.90 18.60 14.61
C LEU C 97 -7.67 19.89 14.92
N LEU C 98 -7.99 20.14 16.20
CA LEU C 98 -8.69 21.38 16.61
C LEU C 98 -7.83 22.59 16.29
N LYS C 99 -6.57 22.61 16.74
CA LYS C 99 -5.66 23.76 16.54
C LYS C 99 -5.53 24.03 15.05
N ILE C 100 -5.40 23.00 14.24
CA ILE C 100 -5.09 23.19 12.80
C ILE C 100 -6.39 23.54 12.06
N HIS C 101 -7.54 23.02 12.50
CA HIS C 101 -8.86 23.37 11.92
C HIS C 101 -9.16 24.84 12.23
N GLU C 102 -9.07 25.22 13.51
CA GLU C 102 -9.05 26.63 13.99
C GLU C 102 -8.32 27.49 12.95
N VAL C 103 -7.08 27.16 12.65
CA VAL C 103 -6.21 28.00 11.77
C VAL C 103 -6.77 28.01 10.35
N SER C 104 -7.26 26.89 9.82
CA SER C 104 -7.79 26.80 8.44
C SER C 104 -9.00 27.75 8.27
N THR C 105 -9.79 27.94 9.33
CA THR C 105 -11.11 28.64 9.28
C THR C 105 -10.98 30.13 9.59
N VAL C 106 -9.97 30.53 10.38
CA VAL C 106 -9.50 31.93 10.47
C VAL C 106 -9.24 32.44 9.05
N SER C 107 -9.40 33.75 8.82
CA SER C 107 -9.17 34.42 7.52
C SER C 107 -7.67 34.71 7.35
N HIS C 108 -7.10 34.27 6.22
CA HIS C 108 -5.71 34.55 5.78
C HIS C 108 -5.70 35.60 4.69
N ALA C 109 -6.85 36.25 4.45
CA ALA C 109 -7.06 37.32 3.44
C ALA C 109 -5.89 38.32 3.48
N ASP C 110 -5.43 38.73 4.67
CA ASP C 110 -4.43 39.80 4.84
C ASP C 110 -2.99 39.27 4.84
N ALA C 111 -2.78 37.98 4.53
CA ALA C 111 -1.49 37.25 4.72
C ALA C 111 -0.91 36.82 3.37
N ASP C 112 0.42 36.89 3.25
CA ASP C 112 1.21 36.53 2.05
C ASP C 112 1.10 35.02 1.77
N CYS C 113 1.12 34.19 2.81
CA CYS C 113 1.23 32.71 2.68
C CYS C 113 1.00 32.01 4.01
N PHE C 114 1.06 30.68 3.99
CA PHE C 114 0.90 29.80 5.19
C PHE C 114 2.01 28.75 5.21
N VAL C 115 2.54 28.49 6.40
CA VAL C 115 3.60 27.47 6.65
C VAL C 115 3.09 26.54 7.75
N CYS C 116 3.44 25.27 7.67
CA CYS C 116 3.09 24.25 8.68
C CYS C 116 4.23 23.24 8.76
N VAL C 117 4.64 22.89 9.98
CA VAL C 117 5.87 22.07 10.21
C VAL C 117 5.56 20.95 11.19
N PHE C 118 6.03 19.74 10.90
CA PHE C 118 5.85 18.53 11.74
C PHE C 118 7.20 17.91 12.07
N LEU C 119 7.52 17.95 13.36
CA LEU C 119 8.68 17.27 13.95
C LEU C 119 8.13 16.11 14.78
N SER C 120 8.07 14.93 14.15
CA SER C 120 7.55 13.71 14.80
C SER C 120 8.08 12.45 14.09
N HIS C 121 7.44 11.33 14.38
CA HIS C 121 7.61 10.05 13.67
C HIS C 121 6.47 9.93 12.66
N GLY C 122 6.64 9.06 11.68
CA GLY C 122 5.60 8.80 10.67
C GLY C 122 5.80 7.48 9.98
N GLU C 123 4.73 6.94 9.40
CA GLU C 123 4.75 5.79 8.49
C GLU C 123 3.91 6.21 7.28
N GLY C 124 4.39 5.92 6.08
CA GLY C 124 3.62 6.12 4.85
C GLY C 124 3.01 7.50 4.77
N ASN C 125 1.69 7.60 4.85
CA ASN C 125 0.94 8.86 4.67
C ASN C 125 0.40 9.34 6.02
N HIS C 126 1.08 8.93 7.10
CA HIS C 126 0.69 9.27 8.50
C HIS C 126 1.81 10.00 9.21
N ILE C 127 1.43 10.97 10.03
CA ILE C 127 2.28 11.59 11.08
C ILE C 127 1.78 11.08 12.42
N TYR C 128 2.67 10.97 13.40
CA TYR C 128 2.30 10.60 14.79
C TYR C 128 2.12 11.87 15.63
N ALA C 129 0.88 12.07 16.11
CA ALA C 129 0.59 12.89 17.30
C ALA C 129 1.06 12.10 18.52
N TYR C 130 0.95 12.67 19.72
CA TYR C 130 1.31 11.99 20.99
C TYR C 130 0.58 10.63 21.07
N ASP C 131 -0.74 10.60 20.83
CA ASP C 131 -1.58 9.39 21.13
C ASP C 131 -1.78 8.50 19.89
N ALA C 132 -1.88 9.02 18.66
CA ALA C 132 -2.09 8.17 17.46
C ALA C 132 -1.64 8.85 16.17
N LYS C 133 -1.72 8.13 15.05
CA LYS C 133 -1.22 8.58 13.73
C LYS C 133 -2.35 9.32 13.00
N ILE C 134 -1.96 10.26 12.13
CA ILE C 134 -2.89 11.16 11.40
C ILE C 134 -2.56 11.18 9.91
N GLU C 135 -3.56 10.90 9.09
CA GLU C 135 -3.50 10.98 7.61
C GLU C 135 -3.10 12.41 7.23
N ILE C 136 -1.90 12.57 6.68
CA ILE C 136 -1.37 13.89 6.21
C ILE C 136 -2.38 14.51 5.23
N GLN C 137 -2.90 13.72 4.30
CA GLN C 137 -3.90 14.16 3.28
C GLN C 137 -4.95 15.07 3.94
N THR C 138 -5.44 14.69 5.12
CA THR C 138 -6.55 15.40 5.81
C THR C 138 -6.06 16.75 6.36
N LEU C 139 -4.79 16.84 6.74
CA LEU C 139 -4.20 18.10 7.29
C LEU C 139 -3.98 19.12 6.17
N THR C 140 -3.40 18.67 5.05
CA THR C 140 -3.21 19.49 3.82
C THR C 140 -4.59 19.80 3.23
N GLY C 141 -5.50 18.82 3.30
CA GLY C 141 -6.90 18.91 2.82
C GLY C 141 -7.62 20.14 3.34
N LEU C 142 -7.20 20.67 4.50
CA LEU C 142 -7.88 21.79 5.19
C LEU C 142 -7.60 23.12 4.46
N PHE C 143 -6.49 23.20 3.72
CA PHE C 143 -6.02 24.45 3.09
C PHE C 143 -6.25 24.44 1.58
N LYS C 144 -6.72 23.31 1.03
CA LYS C 144 -6.92 23.04 -0.42
C LYS C 144 -7.41 24.26 -1.22
N GLY C 145 -7.84 25.35 -0.59
CA GLY C 145 -8.47 26.48 -1.33
C GLY C 145 -9.91 26.13 -1.69
N ASP C 146 -10.21 24.88 -2.06
CA ASP C 146 -11.58 24.28 -1.92
C ASP C 146 -12.15 24.65 -0.55
N LYS C 147 -11.41 24.34 0.51
CA LYS C 147 -11.88 24.41 1.93
C LYS C 147 -11.43 25.70 2.61
N CYS C 148 -10.49 26.44 2.02
CA CYS C 148 -9.88 27.66 2.63
C CYS C 148 -9.66 28.72 1.55
N HIS C 149 -10.72 29.50 1.26
CA HIS C 149 -10.74 30.51 0.17
C HIS C 149 -9.67 31.57 0.44
N SER C 150 -9.47 31.96 1.70
CA SER C 150 -8.52 33.04 2.11
C SER C 150 -7.11 32.78 1.57
N LEU C 151 -6.78 31.52 1.26
CA LEU C 151 -5.39 31.08 0.90
C LEU C 151 -5.29 30.60 -0.55
N VAL C 152 -6.43 30.41 -1.24
CA VAL C 152 -6.45 30.22 -2.72
C VAL C 152 -5.46 31.19 -3.38
N GLY C 153 -4.50 30.66 -4.15
CA GLY C 153 -3.55 31.48 -4.95
C GLY C 153 -2.31 31.85 -4.16
N LYS C 154 -2.29 31.57 -2.85
CA LYS C 154 -1.15 31.87 -1.96
C LYS C 154 -0.40 30.57 -1.66
N PRO C 155 0.94 30.61 -1.47
CA PRO C 155 1.72 29.41 -1.24
C PRO C 155 1.42 28.81 0.14
N LYS C 156 1.35 27.48 0.21
CA LYS C 156 1.07 26.70 1.44
C LYS C 156 2.20 25.69 1.60
N ILE C 157 3.19 26.04 2.42
CA ILE C 157 4.42 25.21 2.60
C ILE C 157 4.19 24.25 3.77
N PHE C 158 4.38 22.96 3.54
CA PHE C 158 4.51 21.95 4.62
C PHE C 158 5.93 21.39 4.65
N ILE C 159 6.48 21.35 5.85
CA ILE C 159 7.87 20.88 6.11
C ILE C 159 7.77 19.72 7.10
N ILE C 160 8.33 18.57 6.73
CA ILE C 160 8.06 17.30 7.46
C ILE C 160 9.37 16.58 7.74
N GLN C 161 9.77 16.64 9.01
CA GLN C 161 10.89 15.89 9.59
C GLN C 161 10.25 14.73 10.36
N ALA C 162 10.00 13.62 9.67
CA ALA C 162 9.34 12.42 10.24
C ALA C 162 9.98 11.16 9.67
N ALA C 163 10.10 10.12 10.50
CA ALA C 163 10.73 8.84 10.12
C ALA C 163 10.34 7.77 11.14
N ARG C 164 10.74 6.52 10.86
CA ARG C 164 10.43 5.30 11.65
C ARG C 164 11.31 5.27 12.91
N GLY C 165 10.69 5.26 14.10
CA GLY C 165 11.42 5.14 15.37
C GLY C 165 11.80 3.69 15.61
N ASN C 166 13.10 3.36 15.55
CA ASN C 166 13.62 1.97 15.68
C ASN C 166 13.93 1.71 17.16
N GLN C 167 13.07 0.97 17.87
CA GLN C 167 13.32 0.56 19.28
C GLN C 167 14.46 -0.47 19.25
N THR C 187 27.75 12.98 25.06
CA THR C 187 26.63 13.87 25.49
C THR C 187 25.68 14.12 24.30
N ASN C 188 26.21 14.64 23.17
CA ASN C 188 25.49 14.83 21.88
C ASN C 188 25.82 13.64 20.97
N ILE C 189 24.96 12.60 20.97
CA ILE C 189 25.04 11.47 19.99
C ILE C 189 24.17 11.83 18.77
N THR C 190 24.48 11.23 17.62
CA THR C 190 23.67 11.31 16.38
C THR C 190 22.85 10.01 16.25
N GLU C 191 21.52 10.11 16.32
CA GLU C 191 20.58 8.97 16.14
C GLU C 191 20.12 8.98 14.68
N VAL C 192 19.87 7.81 14.10
CA VAL C 192 19.59 7.65 12.63
C VAL C 192 18.42 6.66 12.43
N ASP C 193 17.34 7.17 11.80
CA ASP C 193 16.10 6.42 11.45
C ASP C 193 16.06 6.22 9.93
N ALA C 194 15.39 5.15 9.50
CA ALA C 194 15.10 4.87 8.09
C ALA C 194 13.97 5.81 7.63
N ALA C 195 14.07 6.37 6.42
CA ALA C 195 12.96 7.06 5.74
C ALA C 195 11.71 6.18 5.89
N SER C 196 10.54 6.77 6.18
CA SER C 196 9.28 6.00 6.32
C SER C 196 8.09 6.72 5.66
N VAL C 197 8.07 8.05 5.74
CA VAL C 197 6.91 8.87 5.29
C VAL C 197 7.01 9.09 3.79
N TYR C 198 5.91 8.82 3.09
CA TYR C 198 5.76 9.02 1.62
C TYR C 198 5.98 10.50 1.34
N THR C 199 6.64 10.80 0.22
CA THR C 199 6.92 12.17 -0.26
C THR C 199 5.71 12.60 -1.08
N LEU C 200 4.54 12.63 -0.44
CA LEU C 200 3.23 12.95 -1.05
C LEU C 200 3.28 14.40 -1.53
N PRO C 201 2.52 14.72 -2.58
CA PRO C 201 2.26 16.12 -2.92
C PRO C 201 0.97 16.48 -2.17
N ALA C 202 0.52 17.72 -2.30
CA ALA C 202 -0.85 18.12 -1.94
C ALA C 202 -1.53 18.62 -3.22
N GLY C 203 -2.02 19.86 -3.21
CA GLY C 203 -2.75 20.48 -4.34
C GLY C 203 -2.00 21.65 -4.92
N ALA C 204 -2.69 22.47 -5.70
CA ALA C 204 -2.15 23.71 -6.32
C ALA C 204 -1.59 24.63 -5.22
N ASP C 205 -0.40 25.19 -5.48
CA ASP C 205 0.24 26.25 -4.67
C ASP C 205 0.66 25.67 -3.32
N PHE C 206 0.79 24.34 -3.23
CA PHE C 206 1.42 23.66 -2.07
C PHE C 206 2.86 23.29 -2.40
N LEU C 207 3.74 23.46 -1.43
CA LEU C 207 5.13 22.97 -1.50
C LEU C 207 5.38 22.02 -0.32
N MET C 208 5.45 20.72 -0.59
CA MET C 208 5.72 19.68 0.44
C MET C 208 7.22 19.46 0.50
N CYS C 209 7.83 19.61 1.69
CA CYS C 209 9.29 19.56 1.92
C CYS C 209 9.59 18.45 2.92
N TYR C 210 10.54 17.57 2.57
CA TYR C 210 10.73 16.27 3.25
C TYR C 210 12.20 16.13 3.66
N SER C 211 12.41 15.83 4.94
CA SER C 211 13.73 15.59 5.58
C SER C 211 14.55 14.55 4.80
N VAL C 212 13.88 13.57 4.19
CA VAL C 212 14.54 12.35 3.64
C VAL C 212 13.62 11.71 2.60
N ALA C 213 14.21 11.03 1.63
CA ALA C 213 13.52 10.34 0.50
C ALA C 213 13.52 8.83 0.74
N GLU C 214 12.66 8.09 0.04
CA GLU C 214 12.59 6.61 0.07
C GLU C 214 13.99 6.02 -0.09
N GLY C 215 14.29 4.97 0.69
CA GLY C 215 15.58 4.25 0.62
C GLY C 215 16.62 4.83 1.56
N TYR C 216 16.68 6.16 1.68
CA TYR C 216 17.72 6.89 2.45
C TYR C 216 17.37 6.91 3.95
N TYR C 217 18.20 7.61 4.72
CA TYR C 217 18.20 7.60 6.21
C TYR C 217 18.19 9.03 6.74
N SER C 218 17.63 9.21 7.94
CA SER C 218 17.35 10.54 8.55
C SER C 218 18.07 10.65 9.90
N HIS C 219 18.97 11.64 10.03
CA HIS C 219 19.88 11.83 11.18
C HIS C 219 19.40 12.97 12.10
N ARG C 220 19.47 12.76 13.41
CA ARG C 220 19.18 13.82 14.43
C ARG C 220 20.22 13.77 15.55
N GLU C 221 21.03 14.83 15.68
CA GLU C 221 21.97 15.06 16.81
C GLU C 221 21.11 15.42 18.04
N THR C 222 21.31 14.73 19.18
CA THR C 222 20.42 14.82 20.37
C THR C 222 20.43 16.22 21.01
N VAL C 223 21.34 17.10 20.63
CA VAL C 223 21.45 18.47 21.22
C VAL C 223 21.26 19.51 20.10
N ASN C 224 21.87 19.27 18.92
CA ASN C 224 21.89 20.23 17.79
C ASN C 224 20.66 20.02 16.90
N GLY C 225 20.05 18.83 16.97
CA GLY C 225 18.79 18.49 16.29
C GLY C 225 19.03 17.86 14.92
N SER C 226 17.95 17.72 14.16
CA SER C 226 17.90 17.06 12.82
C SER C 226 18.86 17.76 11.87
N TRP C 227 19.58 16.97 11.06
CA TRP C 227 20.48 17.45 9.97
C TRP C 227 19.69 18.38 9.03
N TYR C 228 18.54 17.90 8.52
CA TYR C 228 17.64 18.65 7.61
C TYR C 228 17.43 20.07 8.14
N ILE C 229 17.04 20.16 9.41
CA ILE C 229 16.59 21.42 10.05
C ILE C 229 17.79 22.33 10.29
N GLN C 230 18.88 21.77 10.84
CA GLN C 230 20.15 22.51 11.03
C GLN C 230 20.46 23.25 9.73
N ASP C 231 20.55 22.50 8.63
CA ASP C 231 21.00 23.00 7.31
C ASP C 231 19.92 23.89 6.71
N LEU C 232 18.65 23.54 6.89
CA LEU C 232 17.53 24.41 6.42
C LEU C 232 17.67 25.79 7.07
N CYS C 233 17.75 25.81 8.39
CA CYS C 233 17.80 27.05 9.21
C CYS C 233 19.09 27.82 8.92
N GLU C 234 20.21 27.13 8.68
CA GLU C 234 21.46 27.82 8.28
C GLU C 234 21.19 28.62 7.01
N MET C 235 20.54 28.00 6.03
CA MET C 235 20.25 28.60 4.71
C MET C 235 19.22 29.72 4.88
N LEU C 236 18.20 29.51 5.72
CA LEU C 236 17.17 30.54 5.96
C LEU C 236 17.83 31.79 6.52
N GLY C 237 18.71 31.62 7.51
CA GLY C 237 19.48 32.70 8.15
C GLY C 237 20.31 33.45 7.12
N LYS C 238 21.03 32.73 6.26
CA LYS C 238 21.93 33.34 5.26
C LYS C 238 21.11 33.97 4.13
N TYR C 239 20.14 33.24 3.57
CA TYR C 239 19.59 33.52 2.22
C TYR C 239 18.07 33.70 2.21
N GLY C 240 17.37 33.44 3.32
CA GLY C 240 15.89 33.47 3.42
C GLY C 240 15.27 34.65 2.68
N SER C 241 15.78 35.86 2.91
CA SER C 241 15.18 37.14 2.43
C SER C 241 15.48 37.38 0.95
N SER C 242 16.68 37.02 0.47
CA SER C 242 17.12 37.25 -0.94
C SER C 242 16.54 36.18 -1.88
N LEU C 243 16.91 34.91 -1.66
CA LEU C 243 16.74 33.80 -2.64
C LEU C 243 15.29 33.34 -2.73
N GLU C 244 14.93 32.96 -3.96
CA GLU C 244 13.76 32.11 -4.30
C GLU C 244 13.85 30.86 -3.44
N PHE C 245 12.72 30.45 -2.85
CA PHE C 245 12.66 29.45 -1.76
C PHE C 245 13.12 28.08 -2.25
N THR C 246 12.61 27.61 -3.38
CA THR C 246 13.00 26.29 -3.96
C THR C 246 14.50 26.30 -4.28
N GLU C 247 15.04 27.43 -4.73
CA GLU C 247 16.51 27.59 -4.99
C GLU C 247 17.25 27.24 -3.71
N LEU C 248 16.78 27.82 -2.62
CA LEU C 248 17.30 27.60 -1.25
C LEU C 248 17.15 26.12 -0.88
N LEU C 249 15.96 25.56 -1.00
CA LEU C 249 15.65 24.14 -0.68
C LEU C 249 16.62 23.20 -1.40
N THR C 250 17.03 23.58 -2.63
CA THR C 250 18.03 22.86 -3.45
C THR C 250 19.41 22.96 -2.77
N LEU C 251 19.73 24.13 -2.21
CA LEU C 251 20.97 24.33 -1.41
C LEU C 251 20.96 23.35 -0.25
N VAL C 252 19.81 23.18 0.38
CA VAL C 252 19.65 22.28 1.56
C VAL C 252 19.87 20.84 1.09
N ASN C 253 19.29 20.47 -0.06
CA ASN C 253 19.48 19.13 -0.68
C ASN C 253 20.98 18.91 -0.83
N ARG C 254 21.72 19.89 -1.36
CA ARG C 254 23.20 19.80 -1.51
C ARG C 254 23.81 19.59 -0.12
N LYS C 255 23.64 20.58 0.76
CA LYS C 255 24.29 20.65 2.10
C LYS C 255 24.16 19.30 2.81
N VAL C 256 22.96 18.71 2.79
CA VAL C 256 22.63 17.46 3.56
C VAL C 256 23.22 16.24 2.85
N SER C 257 23.07 16.14 1.53
CA SER C 257 23.63 15.00 0.74
C SER C 257 25.15 14.95 1.00
N GLN C 258 25.80 16.12 0.97
CA GLN C 258 27.26 16.32 1.12
C GLN C 258 27.76 15.96 2.53
N ARG C 259 26.90 15.81 3.52
CA ARG C 259 27.33 15.36 4.86
C ARG C 259 27.92 13.95 4.75
N ARG C 260 29.15 13.79 5.26
CA ARG C 260 29.98 12.56 5.25
C ARG C 260 29.40 11.55 6.24
N VAL C 261 29.39 10.28 5.83
CA VAL C 261 28.86 9.14 6.62
C VAL C 261 29.81 7.94 6.45
N ASP C 262 31.12 8.18 6.30
CA ASP C 262 32.15 7.14 6.09
C ASP C 262 32.80 6.81 7.45
N PHE C 263 33.48 7.77 8.07
CA PHE C 263 34.10 7.65 9.43
C PHE C 263 33.04 8.03 10.48
N CYS C 264 32.46 7.04 11.17
CA CYS C 264 31.33 7.19 12.14
C CYS C 264 31.61 6.41 13.43
N LYS C 265 31.21 6.99 14.57
CA LYS C 265 31.44 6.44 15.94
C LYS C 265 30.58 5.20 16.19
N ASP C 266 29.46 5.05 15.45
CA ASP C 266 28.72 3.77 15.38
C ASP C 266 29.23 3.00 14.16
N PRO C 267 29.70 1.74 14.32
CA PRO C 267 30.06 0.90 13.19
C PRO C 267 28.92 0.73 12.17
N SER C 268 27.71 0.44 12.66
CA SER C 268 26.52 0.04 11.85
C SER C 268 25.85 1.26 11.19
N ALA C 269 26.19 2.49 11.59
CA ALA C 269 25.62 3.75 11.06
C ALA C 269 26.48 4.28 9.89
N ILE C 270 27.49 3.51 9.44
CA ILE C 270 28.37 3.89 8.30
C ILE C 270 27.61 3.66 6.98
N GLY C 271 27.81 4.57 6.02
CA GLY C 271 27.31 4.47 4.63
C GLY C 271 25.80 4.59 4.52
N LYS C 272 25.14 5.23 5.49
CA LYS C 272 23.68 5.49 5.51
C LYS C 272 23.45 6.97 5.17
N LYS C 273 23.33 7.29 3.89
CA LYS C 273 23.30 8.71 3.42
C LYS C 273 21.91 9.29 3.71
N GLN C 274 21.83 10.62 3.68
CA GLN C 274 20.55 11.35 3.79
C GLN C 274 20.42 12.25 2.55
N VAL C 275 19.30 12.08 1.82
CA VAL C 275 18.92 12.97 0.69
C VAL C 275 17.48 13.40 0.91
N PRO C 276 17.25 14.70 1.26
CA PRO C 276 15.91 15.24 1.36
C PRO C 276 15.41 15.59 -0.04
N CYS C 277 14.09 15.62 -0.23
CA CYS C 277 13.45 16.12 -1.47
C CYS C 277 12.41 17.18 -1.13
N PHE C 278 11.77 17.72 -2.16
CA PHE C 278 10.56 18.58 -2.04
C PHE C 278 9.69 18.39 -3.28
N ALA C 279 8.38 18.39 -3.09
CA ALA C 279 7.38 18.21 -4.15
C ALA C 279 6.65 19.54 -4.38
N SER C 280 7.10 20.31 -5.38
CA SER C 280 6.53 21.63 -5.73
C SER C 280 5.28 21.40 -6.58
N MET C 281 4.18 21.99 -6.14
CA MET C 281 2.99 22.21 -6.98
C MET C 281 2.72 23.70 -7.02
N LEU C 282 3.78 24.49 -6.77
CA LEU C 282 3.75 25.96 -6.86
C LEU C 282 3.69 26.35 -8.33
N THR C 283 3.25 27.58 -8.60
CA THR C 283 2.97 28.09 -9.96
C THR C 283 3.72 29.38 -10.22
N LYS C 284 4.46 29.89 -9.23
CA LYS C 284 5.21 31.16 -9.37
C LYS C 284 6.47 31.09 -8.52
N LYS C 285 7.37 32.05 -8.73
CA LYS C 285 8.58 32.23 -7.89
C LYS C 285 8.11 32.65 -6.49
N LEU C 286 8.82 32.19 -5.46
CA LEU C 286 8.48 32.46 -4.04
C LEU C 286 9.70 33.09 -3.36
N HIS C 287 9.59 34.37 -3.01
CA HIS C 287 10.63 35.12 -2.26
C HIS C 287 10.04 35.67 -0.95
N PHE C 288 10.88 35.74 0.09
CA PHE C 288 10.51 36.26 1.43
C PHE C 288 11.30 37.54 1.68
N PHE C 289 11.16 38.49 0.77
CA PHE C 289 11.80 39.84 0.85
C PHE C 289 11.36 40.50 2.16
N PRO C 290 12.25 41.28 2.80
CA PRO C 290 11.89 42.01 4.01
C PRO C 290 10.61 42.83 3.77
N LYS C 291 9.66 42.76 4.69
CA LYS C 291 8.39 43.53 4.61
C LYS C 291 8.64 44.97 5.13
N SER C 292 7.94 45.93 4.53
CA SER C 292 7.84 47.36 4.92
C SER C 292 7.31 47.54 6.36
N ASN C 293 7.85 48.52 7.09
CA ASN C 293 7.38 48.91 8.46
C ASN C 293 7.67 50.39 8.69
N MET D 30 33.85 29.49 0.33
CA MET D 30 33.94 28.52 -0.80
C MET D 30 32.53 28.27 -1.37
N PHE D 31 31.60 27.91 -0.48
CA PHE D 31 30.21 27.46 -0.79
C PHE D 31 29.40 28.54 -1.50
N ASP D 32 28.86 28.24 -2.69
CA ASP D 32 28.25 29.22 -3.62
C ASP D 32 26.75 28.94 -3.80
N PRO D 33 25.85 29.88 -3.45
CA PRO D 33 24.40 29.69 -3.65
C PRO D 33 23.88 29.73 -5.09
N ALA D 34 24.60 30.38 -6.02
CA ALA D 34 24.19 30.51 -7.43
C ALA D 34 24.79 29.35 -8.25
N GLU D 35 25.27 28.31 -7.58
CA GLU D 35 26.05 27.20 -8.20
C GLU D 35 25.15 26.39 -9.13
N LYS D 36 25.64 26.14 -10.34
CA LYS D 36 24.95 25.38 -11.42
C LYS D 36 25.65 24.03 -11.61
N TYR D 37 24.90 23.02 -12.07
CA TYR D 37 25.45 21.79 -12.65
C TYR D 37 26.31 22.21 -13.86
N LYS D 38 27.43 21.52 -14.09
CA LYS D 38 28.31 21.82 -15.24
C LYS D 38 27.73 21.17 -16.49
N MET D 39 27.31 22.00 -17.44
CA MET D 39 26.63 21.58 -18.69
C MET D 39 27.54 21.92 -19.87
N ASP D 40 28.85 21.63 -19.72
CA ASP D 40 29.92 21.96 -20.68
C ASP D 40 30.61 20.68 -21.19
N HIS D 41 30.06 19.49 -20.91
CA HIS D 41 30.59 18.19 -21.42
C HIS D 41 30.45 18.18 -22.94
N ARG D 42 31.18 17.32 -23.64
CA ARG D 42 31.23 17.31 -25.13
C ARG D 42 29.79 17.24 -25.67
N ARG D 43 29.05 16.21 -25.26
CA ARG D 43 27.62 15.99 -25.64
C ARG D 43 26.71 16.35 -24.46
N ARG D 44 25.46 16.73 -24.76
CA ARG D 44 24.39 17.02 -23.76
C ARG D 44 24.02 15.74 -23.02
N GLY D 45 23.69 14.69 -23.77
CA GLY D 45 23.39 13.34 -23.25
C GLY D 45 22.22 12.71 -23.99
N ILE D 46 21.72 11.60 -23.45
CA ILE D 46 20.62 10.79 -24.06
C ILE D 46 19.29 11.24 -23.45
N ALA D 47 18.23 11.22 -24.25
CA ALA D 47 16.82 11.26 -23.80
C ALA D 47 16.10 10.00 -24.28
N LEU D 48 15.80 9.08 -23.36
CA LEU D 48 14.97 7.88 -23.64
C LEU D 48 13.51 8.29 -23.59
N ILE D 49 12.71 7.78 -24.54
CA ILE D 49 11.24 7.96 -24.56
C ILE D 49 10.60 6.60 -24.81
N PHE D 50 10.04 6.02 -23.76
CA PHE D 50 9.18 4.82 -23.86
C PHE D 50 7.75 5.31 -24.09
N ASN D 51 7.16 4.85 -25.20
CA ASN D 51 5.87 5.39 -25.69
C ASN D 51 4.90 4.23 -25.92
N HIS D 52 3.92 4.08 -25.02
CA HIS D 52 2.92 2.98 -25.03
C HIS D 52 1.56 3.55 -25.42
N GLU D 53 0.98 2.98 -26.48
CA GLU D 53 -0.32 3.36 -27.07
C GLU D 53 -1.31 2.19 -26.99
N ARG D 54 -0.85 0.98 -27.29
CA ARG D 54 -1.63 -0.26 -27.16
C ARG D 54 -1.01 -1.11 -26.05
N PHE D 55 -1.78 -2.07 -25.55
CA PHE D 55 -1.37 -3.03 -24.50
C PHE D 55 -1.99 -4.40 -24.81
N PHE D 56 -1.26 -5.45 -24.46
CA PHE D 56 -1.71 -6.87 -24.49
C PHE D 56 -3.21 -6.95 -24.16
N TRP D 57 -4.01 -7.60 -25.00
CA TRP D 57 -5.49 -7.67 -24.87
C TRP D 57 -5.85 -7.90 -23.40
N HIS D 58 -5.25 -8.94 -22.79
CA HIS D 58 -5.64 -9.60 -21.52
C HIS D 58 -5.20 -8.76 -20.31
N LEU D 59 -4.84 -7.49 -20.50
CA LEU D 59 -4.69 -6.49 -19.42
C LEU D 59 -5.96 -5.65 -19.33
N THR D 60 -6.74 -5.58 -20.41
CA THR D 60 -7.93 -4.71 -20.54
C THR D 60 -7.52 -3.28 -20.18
N LEU D 61 -6.62 -2.69 -20.96
CA LEU D 61 -6.18 -1.28 -20.82
C LEU D 61 -6.42 -0.55 -22.13
N PRO D 62 -7.06 0.64 -22.08
CA PRO D 62 -7.43 1.35 -23.30
C PRO D 62 -6.23 1.89 -24.10
N GLU D 63 -6.36 1.93 -25.43
CA GLU D 63 -5.48 2.71 -26.33
C GLU D 63 -5.28 4.11 -25.76
N ARG D 64 -4.04 4.59 -25.71
CA ARG D 64 -3.72 5.99 -25.35
C ARG D 64 -3.65 6.81 -26.64
N ARG D 65 -4.78 7.00 -27.33
CA ARG D 65 -4.83 7.75 -28.62
C ARG D 65 -4.42 9.21 -28.35
N GLY D 66 -3.28 9.64 -28.91
CA GLY D 66 -2.71 10.99 -28.75
C GLY D 66 -1.27 10.97 -28.27
N THR D 67 -0.78 9.82 -27.77
CA THR D 67 0.56 9.66 -27.15
C THR D 67 1.67 9.91 -28.17
N CYS D 68 1.42 9.63 -29.45
CA CYS D 68 2.39 9.88 -30.55
C CYS D 68 2.65 11.39 -30.66
N ALA D 69 1.61 12.20 -30.46
CA ALA D 69 1.72 13.67 -30.42
C ALA D 69 2.78 14.03 -29.37
N ASP D 70 2.60 13.54 -28.14
CA ASP D 70 3.54 13.72 -27.00
C ASP D 70 4.94 13.29 -27.44
N ARG D 71 5.07 12.07 -27.96
CA ARG D 71 6.39 11.46 -28.33
C ARG D 71 7.12 12.42 -29.27
N ASP D 72 6.49 12.78 -30.39
CA ASP D 72 7.09 13.62 -31.45
C ASP D 72 7.45 14.99 -30.87
N ASN D 73 6.51 15.62 -30.17
CA ASN D 73 6.68 16.97 -29.58
C ASN D 73 7.89 16.98 -28.64
N LEU D 74 7.99 15.99 -27.76
CA LEU D 74 9.16 15.86 -26.86
C LEU D 74 10.41 15.68 -27.71
N THR D 75 10.39 14.68 -28.60
CA THR D 75 11.53 14.29 -29.45
C THR D 75 12.12 15.55 -30.08
N ARG D 76 11.26 16.43 -30.62
CA ARG D 76 11.68 17.70 -31.23
C ARG D 76 12.36 18.55 -30.17
N ARG D 77 11.64 18.92 -29.10
CA ARG D 77 12.10 19.93 -28.11
C ARG D 77 13.43 19.51 -27.48
N PHE D 78 13.62 18.22 -27.22
CA PHE D 78 14.82 17.67 -26.55
C PHE D 78 15.98 17.58 -27.55
N SER D 79 15.70 17.20 -28.79
CA SER D 79 16.67 17.25 -29.90
C SER D 79 17.21 18.68 -30.01
N ASP D 80 16.31 19.68 -29.96
CA ASP D 80 16.66 21.11 -30.12
C ASP D 80 17.55 21.56 -28.96
N LEU D 81 17.48 20.90 -27.81
CA LEU D 81 18.33 21.19 -26.62
C LEU D 81 19.63 20.38 -26.67
N GLY D 82 19.78 19.52 -27.67
CA GLY D 82 21.05 18.83 -27.99
C GLY D 82 21.09 17.43 -27.43
N PHE D 83 19.95 16.86 -27.08
CA PHE D 83 19.84 15.44 -26.65
C PHE D 83 19.85 14.53 -27.87
N GLU D 84 20.62 13.44 -27.78
CA GLU D 84 20.45 12.23 -28.63
C GLU D 84 19.18 11.52 -28.13
N VAL D 85 18.04 11.81 -28.77
CA VAL D 85 16.70 11.25 -28.39
C VAL D 85 16.59 9.83 -28.94
N LYS D 86 16.03 8.91 -28.17
CA LYS D 86 15.84 7.49 -28.59
C LYS D 86 14.47 7.03 -28.11
N CYS D 87 13.51 6.96 -29.03
CA CYS D 87 12.09 6.54 -28.79
C CYS D 87 11.98 5.03 -28.92
N PHE D 88 11.00 4.45 -28.22
CA PHE D 88 10.72 3.00 -28.23
C PHE D 88 9.23 2.78 -28.03
N ASN D 89 8.55 2.54 -29.16
CA ASN D 89 7.09 2.36 -29.21
C ASN D 89 6.77 0.93 -28.78
N ASP D 90 6.03 0.81 -27.67
CA ASP D 90 5.23 -0.38 -27.29
C ASP D 90 6.15 -1.56 -27.01
N LEU D 91 7.26 -1.31 -26.30
CA LEU D 91 8.16 -2.39 -25.85
C LEU D 91 7.43 -3.30 -24.85
N LYS D 92 7.70 -4.59 -24.92
CA LYS D 92 7.35 -5.54 -23.83
C LYS D 92 8.34 -5.27 -22.69
N ALA D 93 8.10 -5.84 -21.52
CA ALA D 93 8.94 -5.68 -20.31
C ALA D 93 10.38 -6.08 -20.65
N GLU D 94 10.62 -7.35 -20.99
CA GLU D 94 11.97 -7.86 -21.30
C GLU D 94 12.69 -6.85 -22.21
N GLU D 95 12.10 -6.55 -23.37
CA GLU D 95 12.65 -5.60 -24.38
C GLU D 95 13.05 -4.29 -23.70
N LEU D 96 12.18 -3.78 -22.82
CA LEU D 96 12.35 -2.45 -22.19
C LEU D 96 13.53 -2.48 -21.23
N LEU D 97 13.46 -3.35 -20.23
CA LEU D 97 14.52 -3.55 -19.23
C LEU D 97 15.88 -3.68 -19.92
N LEU D 98 15.95 -4.41 -21.03
CA LEU D 98 17.21 -4.58 -21.80
C LEU D 98 17.68 -3.22 -22.33
N LYS D 99 16.80 -2.51 -23.03
CA LYS D 99 17.16 -1.20 -23.64
C LYS D 99 17.65 -0.26 -22.55
N ILE D 100 16.98 -0.24 -21.40
CA ILE D 100 17.29 0.77 -20.35
C ILE D 100 18.53 0.33 -19.57
N HIS D 101 18.74 -0.98 -19.40
CA HIS D 101 19.97 -1.53 -18.75
C HIS D 101 21.17 -1.23 -19.65
N GLU D 102 21.08 -1.61 -20.94
CA GLU D 102 22.01 -1.18 -22.02
C GLU D 102 22.47 0.25 -21.73
N VAL D 103 21.52 1.18 -21.64
CA VAL D 103 21.83 2.62 -21.52
C VAL D 103 22.54 2.91 -20.20
N SER D 104 22.12 2.28 -19.09
CA SER D 104 22.73 2.53 -17.75
C SER D 104 24.22 2.14 -17.76
N THR D 105 24.60 1.12 -18.54
CA THR D 105 25.94 0.47 -18.49
C THR D 105 26.90 1.10 -19.50
N VAL D 106 26.39 1.64 -20.61
CA VAL D 106 27.14 2.59 -21.48
C VAL D 106 27.71 3.71 -20.60
N SER D 107 28.84 4.29 -21.00
CA SER D 107 29.51 5.42 -20.29
C SER D 107 28.86 6.75 -20.69
N HIS D 108 28.44 7.51 -19.68
CA HIS D 108 27.89 8.89 -19.80
C HIS D 108 28.95 9.92 -19.41
N ALA D 109 30.20 9.48 -19.23
CA ALA D 109 31.37 10.31 -18.84
C ALA D 109 31.39 11.63 -19.61
N ASP D 110 31.11 11.58 -20.92
CA ASP D 110 31.24 12.72 -21.86
C ASP D 110 29.98 13.60 -21.91
N ALA D 111 28.95 13.31 -21.10
CA ALA D 111 27.58 13.84 -21.22
C ALA D 111 27.22 14.73 -20.02
N ASP D 112 26.47 15.80 -20.29
CA ASP D 112 26.00 16.80 -19.28
C ASP D 112 25.03 16.15 -18.30
N CYS D 113 24.14 15.30 -18.79
CA CYS D 113 22.99 14.77 -17.99
C CYS D 113 22.27 13.64 -18.73
N PHE D 114 21.26 13.07 -18.09
CA PHE D 114 20.41 11.98 -18.63
C PHE D 114 18.93 12.31 -18.42
N VAL D 115 18.12 12.01 -19.42
CA VAL D 115 16.64 12.20 -19.40
C VAL D 115 16.00 10.88 -19.76
N CYS D 116 14.85 10.59 -19.16
CA CYS D 116 14.05 9.39 -19.43
C CYS D 116 12.58 9.73 -19.30
N VAL D 117 11.76 9.29 -20.25
CA VAL D 117 10.33 9.71 -20.35
C VAL D 117 9.44 8.49 -20.56
N PHE D 118 8.32 8.44 -19.83
CA PHE D 118 7.32 7.35 -19.91
C PHE D 118 5.94 7.91 -20.23
N LEU D 119 5.45 7.55 -21.41
CA LEU D 119 4.08 7.81 -21.86
C LEU D 119 3.36 6.46 -21.85
N SER D 120 2.67 6.18 -20.75
CA SER D 120 1.91 4.91 -20.57
C SER D 120 0.81 5.09 -19.51
N HIS D 121 0.31 3.95 -19.06
CA HIS D 121 -0.58 3.83 -17.87
C HIS D 121 0.28 3.42 -16.68
N GLY D 122 -0.23 3.61 -15.48
CA GLY D 122 0.46 3.21 -14.25
C GLY D 122 -0.48 3.10 -13.08
N GLU D 123 -0.06 2.34 -12.07
CA GLU D 123 -0.72 2.26 -10.74
C GLU D 123 0.42 2.40 -9.73
N GLY D 124 0.21 3.20 -8.68
CA GLY D 124 1.13 3.31 -7.55
C GLY D 124 2.57 3.53 -8.01
N ASN D 125 3.42 2.53 -7.81
CA ASN D 125 4.88 2.64 -8.08
C ASN D 125 5.22 1.82 -9.32
N HIS D 126 4.24 1.61 -10.20
CA HIS D 126 4.38 0.82 -11.45
C HIS D 126 4.06 1.67 -12.66
N ILE D 127 4.82 1.43 -13.73
CA ILE D 127 4.49 1.84 -15.12
C ILE D 127 4.08 0.57 -15.87
N TYR D 128 3.22 0.72 -16.87
CA TYR D 128 2.83 -0.41 -17.76
C TYR D 128 3.69 -0.37 -19.03
N ALA D 129 4.49 -1.42 -19.22
CA ALA D 129 4.99 -1.86 -20.55
C ALA D 129 3.80 -2.46 -21.31
N TYR D 130 4.00 -2.84 -22.57
CA TYR D 130 2.96 -3.51 -23.39
C TYR D 130 2.38 -4.72 -22.63
N ASP D 131 3.22 -5.60 -22.05
CA ASP D 131 2.77 -6.92 -21.53
C ASP D 131 2.52 -6.89 -20.01
N ALA D 132 3.28 -6.13 -19.21
CA ALA D 132 3.10 -6.10 -17.73
C ALA D 132 3.63 -4.82 -17.09
N LYS D 133 3.40 -4.67 -15.79
CA LYS D 133 3.75 -3.44 -15.01
C LYS D 133 5.18 -3.59 -14.47
N ILE D 134 5.84 -2.44 -14.30
CA ILE D 134 7.28 -2.38 -13.92
C ILE D 134 7.46 -1.39 -12.76
N GLU D 135 8.09 -1.88 -11.70
CA GLU D 135 8.48 -1.09 -10.51
C GLU D 135 9.38 0.05 -11.00
N ILE D 136 8.90 1.28 -10.89
CA ILE D 136 9.67 2.51 -11.26
C ILE D 136 11.00 2.51 -10.49
N GLN D 137 10.97 2.19 -9.20
CA GLN D 137 12.17 2.14 -8.31
C GLN D 137 13.32 1.46 -9.06
N THR D 138 13.06 0.35 -9.74
CA THR D 138 14.10 -0.48 -10.40
C THR D 138 14.67 0.25 -11.62
N LEU D 139 13.86 1.06 -12.31
CA LEU D 139 14.28 1.81 -13.52
C LEU D 139 15.18 2.99 -13.13
N THR D 140 14.78 3.75 -12.11
CA THR D 140 15.58 4.85 -11.53
C THR D 140 16.81 4.26 -10.84
N GLY D 141 16.63 3.10 -10.19
CA GLY D 141 17.68 2.36 -9.47
C GLY D 141 18.91 2.12 -10.32
N LEU D 142 18.76 2.10 -11.65
CA LEU D 142 19.86 1.77 -12.59
C LEU D 142 20.84 2.94 -12.71
N PHE D 143 20.40 4.16 -12.43
CA PHE D 143 21.20 5.40 -12.63
C PHE D 143 21.70 5.96 -11.30
N LYS D 144 21.26 5.37 -10.18
CA LYS D 144 21.74 5.68 -8.80
C LYS D 144 23.26 5.61 -8.86
N GLY D 145 23.97 6.66 -8.41
CA GLY D 145 25.44 6.79 -8.50
C GLY D 145 26.19 5.51 -8.14
N ASP D 146 25.65 4.75 -7.18
CA ASP D 146 26.06 3.36 -6.84
C ASP D 146 26.29 2.56 -8.13
N LYS D 147 25.29 2.52 -9.01
CA LYS D 147 25.15 1.54 -10.11
C LYS D 147 25.62 2.14 -11.45
N CYS D 148 25.76 3.46 -11.54
CA CYS D 148 26.13 4.18 -12.80
C CYS D 148 27.06 5.35 -12.45
N HIS D 149 28.35 5.05 -12.32
CA HIS D 149 29.39 6.03 -11.89
C HIS D 149 29.45 7.20 -12.89
N SER D 150 29.31 6.93 -14.19
CA SER D 150 29.44 7.93 -15.28
C SER D 150 28.50 9.13 -15.05
N LEU D 151 27.43 8.95 -14.27
CA LEU D 151 26.33 9.94 -14.09
C LEU D 151 26.26 10.49 -12.67
N VAL D 152 26.99 9.88 -11.72
CA VAL D 152 27.24 10.48 -10.36
C VAL D 152 27.49 11.99 -10.54
N GLY D 153 26.70 12.83 -9.86
CA GLY D 153 26.90 14.29 -9.81
C GLY D 153 26.21 15.01 -10.95
N LYS D 154 25.68 14.27 -11.92
CA LYS D 154 24.97 14.83 -13.10
C LYS D 154 23.46 14.64 -12.91
N PRO D 155 22.63 15.59 -13.41
CA PRO D 155 21.19 15.51 -13.23
C PRO D 155 20.58 14.35 -14.03
N LYS D 156 19.62 13.65 -13.43
CA LYS D 156 18.92 12.50 -14.03
C LYS D 156 17.42 12.79 -13.96
N ILE D 157 16.86 13.30 -15.06
CA ILE D 157 15.44 13.74 -15.12
C ILE D 157 14.58 12.58 -15.58
N PHE D 158 13.55 12.23 -14.81
CA PHE D 158 12.45 11.34 -15.27
C PHE D 158 11.15 12.14 -15.38
N ILE D 159 10.48 11.95 -16.50
CA ILE D 159 9.20 12.64 -16.83
C ILE D 159 8.16 11.55 -17.07
N ILE D 160 7.05 11.63 -16.33
CA ILE D 160 6.09 10.49 -16.25
C ILE D 160 4.68 11.01 -16.47
N GLN D 161 4.16 10.71 -17.66
CA GLN D 161 2.76 10.93 -18.07
C GLN D 161 2.10 9.54 -17.99
N ALA D 162 1.60 9.18 -16.81
CA ALA D 162 0.98 7.86 -16.56
C ALA D 162 -0.22 8.04 -15.63
N ALA D 163 -1.28 7.26 -15.86
CA ALA D 163 -2.53 7.31 -15.06
C ALA D 163 -3.35 6.05 -15.30
N ARG D 164 -4.45 5.92 -14.57
CA ARG D 164 -5.40 4.76 -14.56
C ARG D 164 -6.26 4.77 -15.84
N GLY D 165 -6.18 3.69 -16.62
CA GLY D 165 -6.93 3.50 -17.86
C GLY D 165 -8.42 3.34 -17.62
N ASN D 166 -9.18 4.31 -18.13
CA ASN D 166 -10.56 4.71 -17.76
C ASN D 166 -11.61 3.68 -18.23
N GLN D 167 -11.66 3.43 -19.54
CA GLN D 167 -12.65 2.57 -20.24
C GLN D 167 -14.09 3.01 -19.92
N THR D 187 -13.62 14.79 -33.87
CA THR D 187 -12.40 14.05 -34.31
C THR D 187 -11.36 14.04 -33.17
N ASN D 188 -10.97 15.24 -32.67
CA ASN D 188 -10.05 15.43 -31.50
C ASN D 188 -10.91 15.63 -30.24
N ILE D 189 -11.18 14.54 -29.50
CA ILE D 189 -11.84 14.60 -28.16
C ILE D 189 -10.74 14.64 -27.09
N THR D 190 -11.09 15.13 -25.91
CA THR D 190 -10.22 15.15 -24.70
C THR D 190 -10.67 14.02 -23.78
N GLU D 191 -9.81 13.02 -23.55
CA GLU D 191 -10.05 11.88 -22.62
C GLU D 191 -9.38 12.24 -21.28
N VAL D 192 -9.95 11.77 -20.16
CA VAL D 192 -9.53 12.18 -18.79
C VAL D 192 -9.48 10.95 -17.85
N ASP D 193 -8.29 10.69 -17.31
CA ASP D 193 -7.97 9.58 -16.36
C ASP D 193 -7.74 10.19 -14.97
N ALA D 194 -8.00 9.39 -13.93
CA ALA D 194 -7.68 9.73 -12.53
C ALA D 194 -6.18 9.54 -12.31
N ALA D 195 -5.54 10.46 -11.58
CA ALA D 195 -4.16 10.27 -11.06
C ALA D 195 -4.08 8.86 -10.44
N SER D 196 -2.99 8.14 -10.68
CA SER D 196 -2.82 6.76 -10.13
C SER D 196 -1.40 6.52 -9.63
N VAL D 197 -0.40 7.08 -10.34
CA VAL D 197 1.03 6.81 -10.08
C VAL D 197 1.52 7.71 -8.93
N TYR D 198 2.17 7.10 -7.95
CA TYR D 198 2.77 7.80 -6.79
C TYR D 198 3.80 8.78 -7.33
N THR D 199 3.90 9.94 -6.68
CA THR D 199 4.87 11.02 -7.03
C THR D 199 6.15 10.71 -6.24
N LEU D 200 6.72 9.53 -6.51
CA LEU D 200 7.93 9.00 -5.82
C LEU D 200 9.10 9.93 -6.13
N PRO D 201 10.08 10.02 -5.20
CA PRO D 201 11.36 10.63 -5.52
C PRO D 201 12.25 9.49 -6.01
N ALA D 202 13.50 9.77 -6.37
CA ALA D 202 14.52 8.74 -6.59
C ALA D 202 15.66 8.99 -5.60
N GLY D 203 16.88 9.23 -6.08
CA GLY D 203 18.06 9.53 -5.26
C GLY D 203 18.57 10.94 -5.47
N ALA D 204 19.80 11.20 -5.03
CA ALA D 204 20.54 12.45 -5.25
C ALA D 204 20.61 12.76 -6.75
N ASP D 205 20.38 14.03 -7.11
CA ASP D 205 20.57 14.61 -8.47
C ASP D 205 19.56 14.00 -9.42
N PHE D 206 18.45 13.45 -8.89
CA PHE D 206 17.27 13.05 -9.69
C PHE D 206 16.20 14.12 -9.59
N LEU D 207 15.54 14.39 -10.72
CA LEU D 207 14.33 15.22 -10.77
C LEU D 207 13.19 14.41 -11.35
N MET D 208 12.24 14.01 -10.52
CA MET D 208 11.05 13.22 -10.93
C MET D 208 9.93 14.22 -11.26
N CYS D 209 9.39 14.16 -12.47
CA CYS D 209 8.38 15.13 -13.00
C CYS D 209 7.12 14.36 -13.38
N TYR D 210 5.97 14.84 -12.90
CA TYR D 210 4.71 14.05 -12.90
C TYR D 210 3.59 14.89 -13.52
N SER D 211 2.92 14.29 -14.51
CA SER D 211 1.76 14.85 -15.25
C SER D 211 0.68 15.35 -14.29
N VAL D 212 0.49 14.69 -13.15
CA VAL D 212 -0.68 14.90 -12.25
C VAL D 212 -0.33 14.40 -10.85
N ALA D 213 -0.95 15.01 -9.85
CA ALA D 213 -0.75 14.74 -8.41
C ALA D 213 -1.96 13.94 -7.87
N GLU D 214 -1.79 13.31 -6.70
CA GLU D 214 -2.86 12.59 -5.97
C GLU D 214 -4.14 13.43 -5.93
N GLY D 215 -5.29 12.78 -6.14
CA GLY D 215 -6.62 13.41 -6.07
C GLY D 215 -7.07 13.98 -7.40
N TYR D 216 -6.15 14.59 -8.16
CA TYR D 216 -6.45 15.32 -9.41
C TYR D 216 -6.57 14.35 -10.59
N TYR D 217 -6.75 14.92 -11.79
CA TYR D 217 -7.12 14.21 -13.04
C TYR D 217 -6.17 14.61 -14.17
N SER D 218 -5.97 13.70 -15.11
CA SER D 218 -4.97 13.81 -16.21
C SER D 218 -5.66 13.75 -17.56
N HIS D 219 -5.51 14.81 -18.38
CA HIS D 219 -6.22 15.03 -19.67
C HIS D 219 -5.30 14.74 -20.86
N ARG D 220 -5.82 14.07 -21.88
CA ARG D 220 -5.12 13.84 -23.17
C ARG D 220 -6.08 14.07 -24.36
N GLU D 221 -5.80 15.09 -25.17
CA GLU D 221 -6.48 15.35 -26.47
C GLU D 221 -5.99 14.28 -27.45
N THR D 222 -6.91 13.56 -28.13
CA THR D 222 -6.61 12.37 -28.95
C THR D 222 -5.73 12.71 -30.17
N VAL D 223 -5.56 13.99 -30.51
CA VAL D 223 -4.73 14.41 -31.68
C VAL D 223 -3.56 15.27 -31.19
N ASN D 224 -3.79 16.18 -30.24
CA ASN D 224 -2.79 17.17 -29.76
C ASN D 224 -1.98 16.57 -28.61
N GLY D 225 -2.52 15.55 -27.94
CA GLY D 225 -1.84 14.77 -26.88
C GLY D 225 -2.12 15.32 -25.49
N SER D 226 -1.37 14.81 -24.52
CA SER D 226 -1.49 15.11 -23.07
C SER D 226 -1.33 16.62 -22.85
N TRP D 227 -2.16 17.19 -21.97
CA TRP D 227 -2.08 18.61 -21.51
C TRP D 227 -0.68 18.91 -20.96
N TYR D 228 -0.21 18.08 -20.02
CA TYR D 228 1.13 18.19 -19.38
C TYR D 228 2.19 18.42 -20.47
N ILE D 229 2.20 17.55 -21.48
CA ILE D 229 3.27 17.48 -22.52
C ILE D 229 3.14 18.70 -23.45
N GLN D 230 1.92 18.99 -23.90
CA GLN D 230 1.64 20.19 -24.73
C GLN D 230 2.31 21.39 -24.07
N ASP D 231 1.96 21.63 -22.80
CA ASP D 231 2.39 22.83 -22.03
C ASP D 231 3.87 22.72 -21.70
N LEU D 232 4.35 21.52 -21.38
CA LEU D 232 5.80 21.31 -21.12
C LEU D 232 6.59 21.74 -22.36
N CYS D 233 6.23 21.17 -23.51
CA CYS D 233 6.92 21.38 -24.81
C CYS D 233 6.77 22.84 -25.25
N GLU D 234 5.63 23.48 -24.98
CA GLU D 234 5.45 24.93 -25.29
C GLU D 234 6.55 25.69 -24.55
N MET D 235 6.72 25.39 -23.26
CA MET D 235 7.69 26.10 -22.38
C MET D 235 9.10 25.76 -22.80
N LEU D 236 9.37 24.50 -23.15
CA LEU D 236 10.72 24.07 -23.62
C LEU D 236 11.09 24.88 -24.85
N GLY D 237 10.17 24.97 -25.81
CA GLY D 237 10.33 25.73 -27.07
C GLY D 237 10.63 27.20 -26.77
N LYS D 238 9.88 27.81 -25.88
CA LYS D 238 10.04 29.25 -25.55
C LYS D 238 11.30 29.47 -24.72
N TYR D 239 11.49 28.68 -23.66
CA TYR D 239 12.37 29.04 -22.52
C TYR D 239 13.45 28.00 -22.22
N GLY D 240 13.40 26.82 -22.86
CA GLY D 240 14.32 25.69 -22.60
C GLY D 240 15.77 26.14 -22.39
N SER D 241 16.32 26.95 -23.30
CA SER D 241 17.76 27.33 -23.35
C SER D 241 18.10 28.39 -22.30
N SER D 242 17.21 29.34 -22.02
CA SER D 242 17.45 30.45 -21.05
C SER D 242 17.23 29.99 -19.60
N LEU D 243 16.00 29.56 -19.27
CA LEU D 243 15.51 29.41 -17.88
C LEU D 243 16.08 28.16 -17.21
N GLU D 244 16.33 28.30 -15.90
CA GLU D 244 16.50 27.22 -14.91
C GLU D 244 15.30 26.29 -15.06
N PHE D 245 15.56 24.98 -15.06
CA PHE D 245 14.59 23.94 -15.49
C PHE D 245 13.39 23.89 -14.54
N THR D 246 13.64 23.85 -13.22
CA THR D 246 12.56 23.82 -12.20
C THR D 246 11.70 25.08 -12.31
N GLU D 247 12.32 26.23 -12.62
CA GLU D 247 11.60 27.51 -12.84
C GLU D 247 10.56 27.29 -13.93
N LEU D 248 11.02 26.67 -15.02
CA LEU D 248 10.20 26.30 -16.19
C LEU D 248 9.09 25.33 -15.75
N LEU D 249 9.45 24.24 -15.07
CA LEU D 249 8.49 23.21 -14.59
C LEU D 249 7.38 23.86 -13.77
N THR D 250 7.70 24.92 -13.03
CA THR D 250 6.75 25.73 -12.23
C THR D 250 5.81 26.48 -13.19
N LEU D 251 6.34 26.99 -14.30
CA LEU D 251 5.53 27.62 -15.38
C LEU D 251 4.50 26.61 -15.88
N VAL D 252 4.94 25.36 -16.04
CA VAL D 252 4.08 24.27 -16.56
C VAL D 252 2.97 24.00 -15.52
N ASN D 253 3.35 23.95 -14.24
CA ASN D 253 2.40 23.78 -13.11
C ASN D 253 1.32 24.87 -13.24
N ARG D 254 1.73 26.12 -13.46
CA ARG D 254 0.79 27.24 -13.64
C ARG D 254 -0.09 26.96 -14.86
N LYS D 255 0.53 26.86 -16.04
CA LYS D 255 -0.16 26.73 -17.34
C LYS D 255 -1.26 25.67 -17.26
N VAL D 256 -0.96 24.52 -16.66
CA VAL D 256 -1.87 23.33 -16.63
C VAL D 256 -2.97 23.53 -15.58
N SER D 257 -2.62 24.01 -14.38
CA SER D 257 -3.61 24.29 -13.30
C SER D 257 -4.66 25.26 -13.85
N GLN D 258 -4.19 26.30 -14.56
CA GLN D 258 -4.98 27.41 -15.14
C GLN D 258 -5.91 26.94 -16.27
N ARG D 259 -5.72 25.75 -16.83
CA ARG D 259 -6.66 25.22 -17.85
C ARG D 259 -8.05 25.06 -17.23
N ARG D 260 -9.04 25.68 -17.88
CA ARG D 260 -10.47 25.75 -17.50
C ARG D 260 -11.11 24.37 -17.68
N VAL D 261 -11.96 23.98 -16.72
CA VAL D 261 -12.68 22.66 -16.71
C VAL D 261 -14.13 22.90 -16.25
N ASP D 262 -14.72 24.05 -16.59
CA ASP D 262 -16.09 24.46 -16.19
C ASP D 262 -17.06 24.12 -17.33
N PHE D 263 -16.92 24.76 -18.49
CA PHE D 263 -17.71 24.48 -19.72
C PHE D 263 -17.00 23.37 -20.52
N CYS D 264 -17.53 22.15 -20.48
CA CYS D 264 -16.94 20.91 -21.08
C CYS D 264 -17.99 20.12 -21.89
N LYS D 265 -17.54 19.51 -23.00
CA LYS D 265 -18.40 18.78 -23.99
C LYS D 265 -18.91 17.47 -23.36
N ASP D 266 -18.20 16.92 -22.38
CA ASP D 266 -18.70 15.82 -21.53
C ASP D 266 -19.29 16.46 -20.26
N PRO D 267 -20.57 16.14 -19.92
CA PRO D 267 -21.15 16.58 -18.65
C PRO D 267 -20.34 16.15 -17.43
N SER D 268 -19.91 14.87 -17.39
CA SER D 268 -19.28 14.21 -16.21
C SER D 268 -17.80 14.59 -16.07
N ALA D 269 -17.20 15.21 -17.09
CA ALA D 269 -15.77 15.63 -17.10
C ALA D 269 -15.62 17.07 -16.59
N ILE D 270 -16.71 17.68 -16.10
CA ILE D 270 -16.70 19.07 -15.54
C ILE D 270 -16.08 19.02 -14.13
N GLY D 271 -15.30 20.06 -13.80
CA GLY D 271 -14.72 20.30 -12.45
C GLY D 271 -13.67 19.28 -12.06
N LYS D 272 -13.03 18.62 -13.03
CA LYS D 272 -11.92 17.64 -12.81
C LYS D 272 -10.59 18.33 -13.16
N LYS D 273 -9.97 19.01 -12.21
CA LYS D 273 -8.78 19.87 -12.49
C LYS D 273 -7.55 18.97 -12.67
N GLN D 274 -6.51 19.53 -13.27
CA GLN D 274 -5.18 18.87 -13.38
C GLN D 274 -4.14 19.77 -12.73
N VAL D 275 -3.39 19.20 -11.78
CA VAL D 275 -2.21 19.87 -11.14
C VAL D 275 -1.04 18.89 -11.20
N PRO D 276 -0.03 19.15 -12.07
CA PRO D 276 1.19 18.35 -12.09
C PRO D 276 2.11 18.81 -10.95
N CYS D 277 3.00 17.95 -10.49
CA CYS D 277 4.07 18.30 -9.53
C CYS D 277 5.42 17.84 -10.08
N PHE D 278 6.46 18.10 -9.30
CA PHE D 278 7.81 17.53 -9.51
C PHE D 278 8.51 17.39 -8.17
N ALA D 279 9.28 16.32 -8.01
CA ALA D 279 10.06 16.03 -6.78
C ALA D 279 11.55 16.24 -7.09
N SER D 280 12.08 17.42 -6.76
CA SER D 280 13.51 17.76 -6.95
C SER D 280 14.31 17.15 -5.81
N MET D 281 15.32 16.37 -6.16
CA MET D 281 16.40 15.96 -5.25
C MET D 281 17.71 16.44 -5.87
N LEU D 282 17.60 17.45 -6.73
CA LEU D 282 18.75 18.16 -7.35
C LEU D 282 19.44 19.00 -6.28
N THR D 283 20.69 19.35 -6.53
CA THR D 283 21.59 20.02 -5.56
C THR D 283 22.16 21.30 -6.14
N LYS D 284 21.84 21.63 -7.40
CA LYS D 284 22.36 22.84 -8.08
C LYS D 284 21.31 23.34 -9.06
N LYS D 285 21.52 24.55 -9.58
CA LYS D 285 20.68 25.13 -10.67
C LYS D 285 20.94 24.29 -11.93
N LEU D 286 19.90 24.12 -12.74
CA LEU D 286 19.96 23.30 -13.98
C LEU D 286 19.51 24.17 -15.16
N HIS D 287 20.44 24.52 -16.05
CA HIS D 287 20.17 25.26 -17.30
C HIS D 287 20.62 24.44 -18.51
N PHE D 288 19.91 24.59 -19.62
CA PHE D 288 20.21 23.92 -20.92
C PHE D 288 20.63 24.98 -21.93
N PHE D 289 21.65 25.75 -21.57
CA PHE D 289 22.24 26.81 -22.44
C PHE D 289 22.69 26.17 -23.75
N PRO D 290 22.59 26.90 -24.88
CA PRO D 290 23.07 26.41 -26.17
C PRO D 290 24.52 25.93 -26.03
N LYS D 291 24.82 24.75 -26.55
CA LYS D 291 26.19 24.17 -26.57
C LYS D 291 26.97 24.73 -27.77
N SER D 292 28.30 24.70 -27.68
CA SER D 292 29.31 24.84 -28.76
C SER D 292 29.10 23.82 -29.90
N ASN D 293 29.30 24.23 -31.16
CA ASN D 293 29.02 23.45 -32.40
C ASN D 293 27.53 23.11 -32.45
N1 XOW E . -5.37 -8.41 2.00
N1 XOW E . -3.73 -8.74 3.90
N3 XOW E . -2.07 -4.79 2.66
N3 XOW E . -1.94 -4.86 2.77
C4 XOW E . -3.15 -7.52 3.37
C4 XOW E . -4.65 -7.30 1.74
C5 XOW E . -3.68 -6.76 2.31
C5 XOW E . -3.54 -6.84 2.46
C6 XOW E . -3.02 -5.47 1.92
C6 XOW E . -2.88 -5.56 2.05
C7 XOW E . -6.68 -6.92 0.01
C7 XOW E . -1.41 -8.14 5.31
C8 XOW E . -7.71 -5.86 0.29
C8 XOW E . -0.06 -8.64 4.88
C10 XOW E . -8.60 -3.67 -0.08
C10 XOW E . 2.29 -8.32 4.44
C13 XOW E . -8.75 -6.14 1.18
C13 XOW E . 0.08 -9.98 4.55
C15 XOW E . -2.46 -3.68 0.80
C15 XOW E . -2.32 -3.80 0.88
C1 XOW E . -4.82 -7.25 1.63
C1 XOW E . -3.10 -7.61 3.58
C2 XOW E . -4.88 -9.13 2.99
C2 XOW E . -4.77 -9.18 3.22
C3 XOW E . -3.76 -8.72 3.71
C3 XOW E . -5.27 -8.48 2.12
N2 XOW E . -5.39 -6.53 0.57
N2 XOW E . -2.00 -7.23 4.33
C9 XOW E . -7.64 -4.64 -0.34
C9 XOW E . 1.06 -7.81 4.84
C11 XOW E . -9.65 -3.95 0.81
C11 XOW E . 2.43 -9.65 4.10
C12 XOW E . -9.72 -5.17 1.44
C12 XOW E . 1.32 -10.50 4.15
F XOW E . -10.58 -3.02 1.06
F XOW E . 3.62 -10.15 3.73
O XOW E . -8.82 -7.35 1.77
O XOW E . -1.00 -10.79 4.60
C14 XOW E . -1.72 -3.66 1.94
C14 XOW E . -1.59 -3.75 2.02
N4 XOW E . -3.24 -4.77 0.80
N4 XOW E . -3.10 -4.91 0.91
N1 XOW F . 3.09 9.11 -2.93
N1 XOW F . 5.51 8.11 -2.53
N3 XOW F . 3.38 4.36 -1.59
N3 XOW F . 3.29 4.40 -1.54
C4 XOW F . 4.75 7.02 -2.22
C4 XOW F . 2.76 8.02 -2.51
C5 XOW F . 3.35 6.87 -2.15
C5 XOW F . 3.49 6.89 -2.10
C6 XOW F . 2.74 5.58 -1.70
C6 XOW F . 2.77 5.66 -1.66
C7 XOW F . 0.30 9.04 -2.54
C7 XOW F . 7.15 5.92 -2.02
C8 XOW F . -0.27 9.14 -3.92
C8 XOW F . 7.90 6.13 -0.75
C10 XOW F . -1.87 8.48 -5.58
C10 XOW F . 8.75 5.32 1.34
C13 XOW F . 0.33 10.02 -4.82
C13 XOW F . 8.42 7.39 -0.49
C15 XOW F . 1.29 4.10 -1.00
C15 XOW F . 1.17 4.32 -0.99
C1 XOW F . 2.53 7.97 -2.52
C1 XOW F . 4.91 6.98 -2.13
C2 XOW F . 4.41 9.27 -3.00
C2 XOW F . 4.82 9.17 -2.92
C3 XOW F . 5.27 8.24 -2.65
C3 XOW F . 3.43 9.16 -2.92
N2 XOW F . 1.15 7.85 -2.47
N2 XOW F . 5.72 5.90 -1.74
C9 XOW F . -1.35 8.37 -4.29
C9 XOW F . 8.06 5.11 0.15
C11 XOW F . -1.28 9.34 -6.47
C11 XOW F . 9.27 6.57 1.59
C12 XOW F . -0.19 10.12 -6.10
C12 XOW F . 9.12 7.61 0.69
F XOW F . -1.77 9.45 -7.70
F XOW F . 9.96 6.76 2.72
O XOW F . 1.39 10.76 -4.42
O XOW F . 8.26 8.37 -1.42
C14 XOW F . 2.46 3.44 -1.15
C14 XOW F . 2.29 3.56 -1.11
N4 XOW F . 1.47 5.39 -1.34
N4 XOW F . 1.48 5.58 -1.32
#